data_7VTN
#
_entry.id   7VTN
#
_cell.length_a   1.00
_cell.length_b   1.00
_cell.length_c   1.00
_cell.angle_alpha   90.00
_cell.angle_beta   90.00
_cell.angle_gamma   90.00
#
_symmetry.space_group_name_H-M   'P 1'
#
loop_
_entity.id
_entity.type
_entity.pdbx_description
1 polymer Cas13bt3
2 polymer crRNA
3 polymer 'target RNA'
#
loop_
_entity_poly.entity_id
_entity_poly.type
_entity_poly.pdbx_seq_one_letter_code
_entity_poly.pdbx_strand_id
1 'polypeptide(L)'
;GGMAQVSKQTSKKRELSIDEYQGARKWCFTIAFNKALVNRDKNDGLFVESLLRHEKYSKHDWYDEDTRALIKCSTQAANA
KAEALANYFSAYRHSPGCLTFTAEDELRTIMERAYERAIFECRRRETEVIIEFPSLFEGDRITTAGVVFFVSFFVERRVL
DRLYGAVSGLKKNEGQYKLTRKALSMYCLKDSRFTKAWDKRVLLFRDILAQLGRIPAEAYEYYHGEQGDKKRANDNEGTN
PKRHKDKFIEFALHYLEAQHSEICFGRRHIVREEAGAGDEHKKHRTKGKVVVDFSKKDEDQSYYISKNNVIVRIDKNAGP
RSYRMGLNELKYLVLLSLQGKGDDAIAKLYRYRQHVENILDVVKVTDKDNHVFLPRFVLEQHGIGRKAFKQRIDGRVKHV
RGVWEKKKAATNEMTLHEKARDILQYVNENCTRSFNPGEYNRLLVCLVGKDVENFQAGLKRLQLAERIDGRVYSIFAQTS
TINEMHQVVCDQILNRLCRIGDQKLYDYVGLGKKDEIDYKQKVAWFKEHISIRRGFLRKKFWYDSKKGFAKLVEEHLESG
GGQRDVGLDKKYYHIDAIGRFEGANPALYETLARDRLCLMMAQYFLGSVRKELGNKIVWSNDSIELPVEGSVGNEKSIVF
SVSDYGKLYVLDDAEFLGRICEYFMPHEKGKIRYHTVYEKGFRAYNDLQKKCVEAVLAFEEKVVKAKKMSEKEGAHYIDF
REILAQTMCKEAEKTAVNKVARAFFAHHLKFVIDEFGLFSDVMKKYGIEKEWKFPVK
;
A
2 'polyribonucleotide' GCUUGGCAACCAUUCAAAUAUGUAUGCUGGAGCAGCCCCCGAUUUGUGGGGUGAUUACAGC B
3 'polyribonucleotide' AUACAUAUUUGAAUGGUUGCCAAGC C
#
loop_
_chem_comp.id
_chem_comp.type
_chem_comp.name
_chem_comp.formula
A RNA linking ADENOSINE-5'-MONOPHOSPHATE 'C10 H14 N5 O7 P'
C RNA linking CYTIDINE-5'-MONOPHOSPHATE 'C9 H14 N3 O8 P'
G RNA linking GUANOSINE-5'-MONOPHOSPHATE 'C10 H14 N5 O8 P'
U RNA linking URIDINE-5'-MONOPHOSPHATE 'C9 H13 N2 O9 P'
#
# COMPACT_ATOMS: atom_id res chain seq x y z
N LEU A 16 -28.55 20.04 21.73
CA LEU A 16 -28.57 19.76 20.27
C LEU A 16 -28.02 20.95 19.48
N SER A 17 -28.67 22.14 19.55
CA SER A 17 -28.19 23.33 18.84
C SER A 17 -26.90 23.83 19.51
N ILE A 18 -26.07 24.58 18.78
CA ILE A 18 -24.76 25.04 19.27
C ILE A 18 -24.92 26.00 20.46
N ASP A 19 -26.04 26.74 20.49
CA ASP A 19 -26.42 27.69 21.54
C ASP A 19 -26.64 26.98 22.89
N GLU A 20 -26.98 25.69 22.87
CA GLU A 20 -27.31 24.92 24.06
C GLU A 20 -26.07 24.48 24.85
N TYR A 21 -24.85 24.68 24.30
CA TYR A 21 -23.58 24.40 24.99
C TYR A 21 -23.11 25.65 25.72
N GLN A 22 -23.38 25.69 27.04
CA GLN A 22 -23.06 26.80 27.95
C GLN A 22 -22.33 26.26 29.18
N GLY A 23 -21.43 27.09 29.74
CA GLY A 23 -20.58 26.75 30.86
C GLY A 23 -19.76 25.49 30.61
N ALA A 24 -19.87 24.50 31.53
CA ALA A 24 -19.06 23.28 31.54
C ALA A 24 -19.31 22.35 30.34
N ARG A 25 -20.49 22.48 29.69
CA ARG A 25 -20.92 21.67 28.54
C ARG A 25 -20.10 21.96 27.28
N LYS A 26 -19.49 23.15 27.23
CA LYS A 26 -18.60 23.60 26.16
C LYS A 26 -17.30 22.81 26.09
N TRP A 27 -16.99 21.96 27.10
CA TRP A 27 -15.65 21.41 27.32
C TRP A 27 -15.06 20.70 26.09
N CYS A 28 -15.85 19.84 25.41
CA CYS A 28 -15.41 19.03 24.27
C CYS A 28 -14.92 19.95 23.13
N PHE A 29 -15.64 21.07 22.90
CA PHE A 29 -15.27 22.13 21.96
C PHE A 29 -14.04 22.92 22.43
N THR A 30 -13.96 23.21 23.74
CA THR A 30 -12.78 23.86 24.32
C THR A 30 -11.52 23.09 23.93
N ILE A 31 -11.52 21.75 24.13
CA ILE A 31 -10.39 20.87 23.90
C ILE A 31 -10.00 20.90 22.41
N ALA A 32 -11.00 20.73 21.51
CA ALA A 32 -10.79 20.72 20.07
C ALA A 32 -10.23 22.05 19.56
N PHE A 33 -10.82 23.18 19.98
CA PHE A 33 -10.42 24.49 19.45
C PHE A 33 -9.05 24.91 19.97
N ASN A 34 -8.73 24.56 21.23
CA ASN A 34 -7.42 24.85 21.80
C ASN A 34 -6.38 24.04 21.02
N LYS A 35 -6.68 22.76 20.71
CA LYS A 35 -5.78 22.00 19.86
C LYS A 35 -5.63 22.62 18.48
N ALA A 36 -6.71 23.19 17.91
CA ALA A 36 -6.62 23.88 16.61
C ALA A 36 -5.62 25.03 16.68
N LEU A 37 -5.63 25.78 17.81
CA LEU A 37 -4.69 26.87 18.04
C LEU A 37 -3.30 26.30 18.30
N VAL A 38 -3.18 25.27 19.18
CA VAL A 38 -1.91 24.53 19.34
C VAL A 38 -1.32 24.27 17.96
N ASN A 39 -2.13 23.69 17.04
CA ASN A 39 -1.68 23.29 15.71
C ASN A 39 -1.51 24.46 14.75
N ARG A 40 -2.34 25.51 14.86
CA ARG A 40 -2.12 26.73 14.07
C ARG A 40 -0.81 27.42 14.46
N ASP A 41 -0.32 27.24 15.71
CA ASP A 41 0.97 27.77 16.16
C ASP A 41 2.17 26.97 15.62
N LYS A 42 1.94 25.69 15.26
CA LYS A 42 2.90 24.82 14.61
C LYS A 42 2.92 25.08 13.09
N ASN A 43 1.77 25.50 12.53
CA ASN A 43 1.59 25.74 11.11
C ASN A 43 0.33 26.59 10.91
N ASP A 44 0.51 27.81 10.38
CA ASP A 44 -0.55 28.79 10.18
C ASP A 44 -1.27 28.58 8.85
N GLY A 45 -0.82 27.58 8.08
CA GLY A 45 -1.27 27.35 6.71
C GLY A 45 -2.31 26.23 6.58
N LEU A 46 -2.76 25.68 7.74
CA LEU A 46 -3.48 24.40 7.83
C LEU A 46 -4.84 24.44 7.14
N PHE A 47 -5.55 25.58 7.17
CA PHE A 47 -6.87 25.70 6.55
C PHE A 47 -6.78 25.36 5.05
N VAL A 48 -5.88 26.04 4.33
CA VAL A 48 -5.74 25.88 2.89
C VAL A 48 -5.09 24.53 2.57
N GLU A 49 -4.02 24.16 3.31
CA GLU A 49 -3.38 22.85 3.19
C GLU A 49 -4.41 21.73 3.20
N SER A 50 -5.31 21.74 4.21
CA SER A 50 -6.31 20.69 4.44
C SER A 50 -7.36 20.64 3.32
N LEU A 51 -7.87 21.83 2.93
CA LEU A 51 -8.83 21.99 1.84
C LEU A 51 -8.29 21.43 0.51
N LEU A 52 -6.98 21.54 0.26
CA LEU A 52 -6.41 21.19 -1.04
C LEU A 52 -5.71 19.83 -1.04
N ARG A 53 -5.57 19.18 0.13
CA ARG A 53 -4.83 17.93 0.33
C ARG A 53 -5.24 16.90 -0.72
N HIS A 54 -6.55 16.62 -0.82
CA HIS A 54 -7.09 15.57 -1.67
C HIS A 54 -7.00 15.95 -3.15
N GLU A 55 -7.24 17.23 -3.45
CA GLU A 55 -7.29 17.74 -4.81
C GLU A 55 -5.95 17.66 -5.54
N LYS A 56 -4.82 17.65 -4.81
CA LYS A 56 -3.51 17.35 -5.39
C LYS A 56 -3.48 15.97 -6.08
N TYR A 57 -4.26 15.00 -5.56
CA TYR A 57 -4.34 13.62 -6.08
C TYR A 57 -5.42 13.42 -7.15
N SER A 58 -6.18 14.47 -7.49
CA SER A 58 -7.32 14.40 -8.39
C SER A 58 -7.03 15.18 -9.68
N LYS A 59 -7.10 14.47 -10.82
CA LYS A 59 -7.21 15.09 -12.13
C LYS A 59 -8.41 16.02 -12.11
N HIS A 60 -9.56 15.50 -11.62
CA HIS A 60 -10.82 16.21 -11.53
C HIS A 60 -10.73 17.29 -10.44
N ASP A 61 -11.19 18.51 -10.76
CA ASP A 61 -11.23 19.63 -9.82
C ASP A 61 -12.22 19.29 -8.70
N TRP A 62 -11.75 19.34 -7.45
CA TRP A 62 -12.60 19.27 -6.26
C TRP A 62 -13.45 20.53 -6.17
N TYR A 63 -12.88 21.66 -6.63
CA TYR A 63 -13.48 22.99 -6.56
C TYR A 63 -13.49 23.61 -7.96
N ASP A 64 -14.56 24.37 -8.27
CA ASP A 64 -14.64 25.26 -9.42
C ASP A 64 -13.61 26.39 -9.24
N GLU A 65 -13.54 27.35 -10.18
CA GLU A 65 -12.43 28.29 -10.27
C GLU A 65 -12.52 29.37 -9.19
N ASP A 66 -13.72 29.95 -9.02
CA ASP A 66 -14.00 30.97 -8.02
C ASP A 66 -13.84 30.41 -6.60
N THR A 67 -14.30 29.16 -6.35
CA THR A 67 -14.10 28.53 -5.04
C THR A 67 -12.60 28.44 -4.74
N ARG A 68 -11.80 27.90 -5.68
CA ARG A 68 -10.36 27.83 -5.54
C ARG A 68 -9.76 29.20 -5.20
N ALA A 69 -10.26 30.27 -5.84
CA ALA A 69 -9.80 31.64 -5.59
C ALA A 69 -10.03 32.07 -4.14
N LEU A 70 -11.26 31.83 -3.64
CA LEU A 70 -11.68 32.13 -2.28
C LEU A 70 -10.79 31.40 -1.28
N ILE A 71 -10.52 30.11 -1.56
CA ILE A 71 -9.69 29.29 -0.68
C ILE A 71 -8.31 29.93 -0.53
N LYS A 72 -7.72 30.41 -1.64
CA LYS A 72 -6.37 30.95 -1.67
C LYS A 72 -6.23 32.19 -0.78
N CYS A 73 -7.32 32.99 -0.66
CA CYS A 73 -7.34 34.25 0.08
C CYS A 73 -7.69 34.10 1.56
N SER A 74 -8.05 32.89 2.02
CA SER A 74 -8.88 32.71 3.22
C SER A 74 -8.10 32.51 4.53
N THR A 75 -6.76 32.47 4.53
CA THR A 75 -5.98 32.05 5.69
C THR A 75 -6.27 32.93 6.92
N GLN A 76 -6.20 34.27 6.73
CA GLN A 76 -6.37 35.25 7.80
C GLN A 76 -7.79 35.16 8.38
N ALA A 77 -8.81 35.18 7.49
CA ALA A 77 -10.22 35.00 7.84
C ALA A 77 -10.42 33.73 8.69
N ALA A 78 -9.96 32.58 8.17
CA ALA A 78 -10.11 31.27 8.80
C ALA A 78 -9.37 31.19 10.12
N ASN A 79 -8.16 31.77 10.17
CA ASN A 79 -7.35 31.79 11.39
C ASN A 79 -8.00 32.66 12.47
N ALA A 80 -8.62 33.78 12.04
CA ALA A 80 -9.34 34.71 12.91
C ALA A 80 -10.61 34.08 13.47
N LYS A 81 -11.35 33.35 12.61
CA LYS A 81 -12.53 32.60 13.01
C LYS A 81 -12.14 31.48 13.98
N ALA A 82 -11.02 30.79 13.72
CA ALA A 82 -10.52 29.75 14.61
C ALA A 82 -10.27 30.29 16.01
N GLU A 83 -9.67 31.50 16.10
CA GLU A 83 -9.36 32.14 17.38
C GLU A 83 -10.63 32.58 18.10
N ALA A 84 -11.56 33.23 17.36
CA ALA A 84 -12.85 33.68 17.88
C ALA A 84 -13.60 32.52 18.51
N LEU A 85 -13.71 31.39 17.79
CA LEU A 85 -14.48 30.25 18.30
C LEU A 85 -13.77 29.61 19.49
N ALA A 86 -12.42 29.61 19.50
CA ALA A 86 -11.63 29.12 20.62
C ALA A 86 -11.90 29.97 21.86
N ASN A 87 -11.88 31.31 21.70
CA ASN A 87 -12.26 32.27 22.72
C ASN A 87 -13.68 32.01 23.22
N TYR A 88 -14.65 31.89 22.30
CA TYR A 88 -16.05 31.62 22.60
C TYR A 88 -16.19 30.34 23.42
N PHE A 89 -15.48 29.26 23.02
CA PHE A 89 -15.64 27.96 23.65
C PHE A 89 -14.80 27.82 24.92
N SER A 90 -13.83 28.73 25.14
CA SER A 90 -12.92 28.69 26.27
C SER A 90 -13.35 29.62 27.41
N ALA A 91 -14.41 30.43 27.20
CA ALA A 91 -14.99 31.36 28.18
C ALA A 91 -16.38 30.90 28.59
N TYR A 92 -16.84 31.25 29.82
CA TYR A 92 -18.20 30.99 30.29
C TYR A 92 -19.20 31.72 29.38
N ARG A 93 -18.97 33.04 29.25
CA ARG A 93 -19.79 33.96 28.49
C ARG A 93 -18.89 34.76 27.55
N HIS A 94 -19.24 34.68 26.25
CA HIS A 94 -18.63 35.36 25.13
C HIS A 94 -19.80 35.81 24.24
N SER A 95 -19.64 36.93 23.51
CA SER A 95 -20.66 37.44 22.58
C SER A 95 -20.99 36.39 21.52
N PRO A 96 -22.27 36.15 21.16
CA PRO A 96 -22.63 35.08 20.23
C PRO A 96 -22.28 35.37 18.77
N GLY A 97 -21.89 36.62 18.47
CA GLY A 97 -21.61 37.14 17.13
C GLY A 97 -20.77 36.20 16.27
N CYS A 98 -19.74 35.59 16.86
CA CYS A 98 -18.79 34.71 16.19
C CYS A 98 -19.48 33.47 15.58
N LEU A 99 -20.70 33.11 16.04
CA LEU A 99 -21.47 31.96 15.55
C LEU A 99 -22.32 32.28 14.31
N THR A 100 -22.30 33.55 13.89
CA THR A 100 -23.02 34.03 12.71
C THR A 100 -22.07 34.05 11.53
N PHE A 101 -22.44 33.32 10.47
CA PHE A 101 -21.88 33.42 9.12
C PHE A 101 -23.05 33.77 8.20
N THR A 102 -22.99 34.95 7.54
CA THR A 102 -23.96 35.39 6.54
C THR A 102 -23.81 34.52 5.28
N ALA A 103 -24.83 34.57 4.39
CA ALA A 103 -24.82 33.95 3.06
C ALA A 103 -23.58 34.40 2.27
N GLU A 104 -23.25 35.69 2.41
CA GLU A 104 -22.07 36.36 1.85
C GLU A 104 -20.76 35.66 2.22
N ASP A 105 -20.63 35.16 3.47
CA ASP A 105 -19.38 34.82 4.15
C ASP A 105 -18.52 33.87 3.30
N GLU A 106 -17.26 34.28 3.03
CA GLU A 106 -16.25 33.51 2.29
C GLU A 106 -16.12 32.09 2.87
N LEU A 107 -15.99 32.02 4.21
CA LEU A 107 -15.76 30.78 4.95
C LEU A 107 -16.94 29.83 4.80
N ARG A 108 -18.18 30.36 4.83
CA ARG A 108 -19.40 29.59 4.62
C ARG A 108 -19.46 28.94 3.23
N THR A 109 -19.17 29.72 2.16
CA THR A 109 -19.12 29.25 0.77
C THR A 109 -18.14 28.09 0.66
N ILE A 110 -16.90 28.34 1.10
CA ILE A 110 -15.80 27.37 1.13
C ILE A 110 -16.27 26.09 1.81
N MET A 111 -16.82 26.20 3.03
CA MET A 111 -17.28 25.08 3.85
C MET A 111 -18.37 24.29 3.12
N GLU A 112 -19.41 24.97 2.62
CA GLU A 112 -20.49 24.31 1.88
C GLU A 112 -19.95 23.54 0.67
N ARG A 113 -19.01 24.12 -0.09
CA ARG A 113 -18.44 23.43 -1.25
C ARG A 113 -17.61 22.22 -0.83
N ALA A 114 -16.76 22.40 0.19
CA ALA A 114 -15.91 21.33 0.69
C ALA A 114 -16.76 20.17 1.20
N TYR A 115 -17.88 20.49 1.89
CA TYR A 115 -18.78 19.50 2.47
C TYR A 115 -19.55 18.73 1.39
N GLU A 116 -20.09 19.43 0.38
CA GLU A 116 -20.82 18.78 -0.71
C GLU A 116 -19.88 17.86 -1.48
N ARG A 117 -18.62 18.31 -1.69
CA ARG A 117 -17.56 17.49 -2.26
C ARG A 117 -17.31 16.24 -1.42
N ALA A 118 -17.19 16.35 -0.07
CA ALA A 118 -16.90 15.22 0.80
C ALA A 118 -18.03 14.18 0.77
N ILE A 119 -19.27 14.67 0.74
CA ILE A 119 -20.47 13.83 0.68
C ILE A 119 -20.50 13.02 -0.62
N PHE A 120 -20.24 13.70 -1.75
CA PHE A 120 -20.13 13.07 -3.06
C PHE A 120 -19.06 11.98 -3.03
N GLU A 121 -17.88 12.31 -2.46
CA GLU A 121 -16.77 11.37 -2.31
C GLU A 121 -17.15 10.14 -1.47
N CYS A 122 -17.92 10.34 -0.39
CA CYS A 122 -18.45 9.25 0.43
C CYS A 122 -19.48 8.42 -0.35
N ARG A 123 -20.52 9.07 -0.91
CA ARG A 123 -21.67 8.41 -1.53
C ARG A 123 -21.27 7.55 -2.72
N ARG A 124 -20.38 8.08 -3.57
CA ARG A 124 -20.02 7.41 -4.82
C ARG A 124 -19.24 6.12 -4.56
N ARG A 125 -18.64 5.94 -3.37
CA ARG A 125 -17.96 4.71 -2.99
C ARG A 125 -18.88 3.69 -2.31
N GLU A 126 -20.13 4.08 -2.00
CA GLU A 126 -21.16 3.22 -1.41
C GLU A 126 -21.97 2.55 -2.53
N THR A 127 -22.69 1.46 -2.22
CA THR A 127 -23.51 0.74 -3.20
C THR A 127 -24.92 1.35 -3.32
N GLU A 128 -25.36 2.05 -2.27
CA GLU A 128 -26.66 2.75 -2.22
C GLU A 128 -26.60 3.91 -1.24
N VAL A 129 -27.47 4.91 -1.47
CA VAL A 129 -27.66 6.10 -0.63
C VAL A 129 -28.68 5.76 0.45
N ILE A 130 -28.20 5.63 1.71
CA ILE A 130 -28.98 5.24 2.87
C ILE A 130 -29.45 6.44 3.71
N ILE A 131 -28.57 7.44 3.91
CA ILE A 131 -28.74 8.49 4.90
C ILE A 131 -28.66 9.88 4.27
N GLU A 132 -29.28 10.87 4.94
CA GLU A 132 -29.03 12.28 4.77
C GLU A 132 -27.90 12.71 5.71
N PHE A 133 -27.27 13.84 5.38
CA PHE A 133 -26.16 14.43 6.12
C PHE A 133 -26.67 15.68 6.84
N PRO A 134 -26.14 16.02 8.04
CA PRO A 134 -26.57 17.22 8.76
C PRO A 134 -26.14 18.49 8.03
N SER A 135 -27.00 19.52 8.08
CA SER A 135 -26.68 20.88 7.64
C SER A 135 -25.62 21.51 8.54
N LEU A 136 -24.73 22.30 7.92
CA LEU A 136 -23.66 23.05 8.58
C LEU A 136 -24.20 24.37 9.13
N PHE A 137 -25.33 24.83 8.58
CA PHE A 137 -25.93 26.14 8.87
C PHE A 137 -27.45 26.01 8.99
N GLU A 138 -28.05 26.87 9.84
CA GLU A 138 -29.48 27.12 9.96
C GLU A 138 -29.70 28.63 10.00
N GLY A 139 -30.33 29.17 8.94
CA GLY A 139 -30.29 30.60 8.64
C GLY A 139 -28.84 31.03 8.44
N ASP A 140 -28.41 32.07 9.18
CA ASP A 140 -27.04 32.56 9.15
C ASP A 140 -26.29 32.13 10.41
N ARG A 141 -26.68 31.01 11.03
CA ARG A 141 -26.06 30.48 12.24
C ARG A 141 -25.46 29.09 12.00
N ILE A 142 -24.17 28.91 12.36
CA ILE A 142 -23.46 27.63 12.35
C ILE A 142 -24.17 26.64 13.28
N THR A 143 -24.24 25.37 12.86
CA THR A 143 -24.77 24.26 13.64
C THR A 143 -23.60 23.58 14.36
N THR A 144 -23.91 22.61 15.22
CA THR A 144 -22.93 21.70 15.80
C THR A 144 -22.08 21.00 14.73
N ALA A 145 -22.73 20.43 13.70
CA ALA A 145 -22.07 19.80 12.56
C ALA A 145 -21.17 20.79 11.82
N GLY A 146 -21.61 22.04 11.66
CA GLY A 146 -20.81 23.10 11.05
C GLY A 146 -19.53 23.40 11.84
N VAL A 147 -19.65 23.42 13.18
CA VAL A 147 -18.54 23.73 14.07
C VAL A 147 -17.53 22.58 14.01
N VAL A 148 -18.03 21.33 14.05
CA VAL A 148 -17.20 20.14 13.90
C VAL A 148 -16.45 20.18 12.56
N PHE A 149 -17.15 20.55 11.47
CA PHE A 149 -16.56 20.63 10.14
C PHE A 149 -15.44 21.68 10.06
N PHE A 150 -15.70 22.88 10.61
CA PHE A 150 -14.74 23.97 10.61
C PHE A 150 -13.43 23.54 11.31
N VAL A 151 -13.54 22.88 12.48
CA VAL A 151 -12.38 22.57 13.31
C VAL A 151 -11.53 21.46 12.66
N SER A 152 -12.19 20.54 11.93
CA SER A 152 -11.58 19.39 11.26
C SER A 152 -10.30 19.78 10.51
N PHE A 153 -10.31 20.93 9.82
CA PHE A 153 -9.20 21.46 9.02
C PHE A 153 -7.90 21.63 9.81
N PHE A 154 -7.97 21.76 11.15
CA PHE A 154 -6.85 22.17 11.98
C PHE A 154 -6.32 21.05 12.87
N VAL A 155 -6.98 19.89 12.88
CA VAL A 155 -6.76 18.90 13.94
C VAL A 155 -6.56 17.51 13.35
N GLU A 156 -5.83 16.67 14.10
CA GLU A 156 -5.62 15.25 13.81
C GLU A 156 -6.95 14.52 13.94
N ARG A 157 -7.07 13.40 13.21
CA ARG A 157 -8.27 12.56 13.16
C ARG A 157 -8.76 12.23 14.56
N ARG A 158 -7.84 11.87 15.48
CA ARG A 158 -8.18 11.44 16.84
C ARG A 158 -8.86 12.55 17.64
N VAL A 159 -8.43 13.81 17.46
CA VAL A 159 -9.05 14.97 18.10
C VAL A 159 -10.49 15.13 17.62
N LEU A 160 -10.70 15.04 16.30
CA LEU A 160 -12.02 15.28 15.72
C LEU A 160 -12.99 14.16 16.07
N ASP A 161 -12.51 12.90 16.05
CA ASP A 161 -13.29 11.75 16.48
C ASP A 161 -13.75 11.91 17.93
N ARG A 162 -12.85 12.39 18.79
CA ARG A 162 -13.15 12.64 20.20
C ARG A 162 -14.26 13.69 20.31
N LEU A 163 -14.15 14.80 19.57
CA LEU A 163 -15.18 15.83 19.56
C LEU A 163 -16.50 15.24 19.05
N TYR A 164 -16.48 14.57 17.90
CA TYR A 164 -17.71 14.14 17.23
C TYR A 164 -18.45 13.11 18.09
N GLY A 165 -17.68 12.18 18.68
CA GLY A 165 -18.13 11.23 19.69
C GLY A 165 -18.89 11.87 20.86
N ALA A 166 -18.47 13.07 21.27
CA ALA A 166 -19.13 13.79 22.37
C ALA A 166 -20.44 14.45 21.90
N VAL A 167 -20.49 14.99 20.68
CA VAL A 167 -21.58 15.91 20.32
C VAL A 167 -22.61 15.33 19.33
N SER A 168 -22.31 14.19 18.68
CA SER A 168 -23.19 13.54 17.69
C SER A 168 -24.49 13.11 18.36
N GLY A 169 -25.61 13.40 17.70
CA GLY A 169 -26.88 12.78 18.05
C GLY A 169 -27.14 11.45 17.32
N LEU A 170 -26.13 10.91 16.61
CA LEU A 170 -26.40 9.86 15.62
C LEU A 170 -25.97 8.45 16.05
N LYS A 171 -25.43 8.27 17.26
CA LYS A 171 -24.75 7.01 17.62
C LYS A 171 -25.69 5.82 17.75
N LYS A 172 -27.01 6.08 17.86
CA LYS A 172 -28.05 5.05 17.83
C LYS A 172 -27.90 4.15 16.61
N ASN A 173 -27.64 4.76 15.43
CA ASN A 173 -27.40 4.07 14.15
C ASN A 173 -25.91 4.09 13.83
N GLU A 174 -25.21 2.97 14.06
CA GLU A 174 -23.77 2.86 13.84
C GLU A 174 -23.37 3.29 12.42
N GLY A 175 -24.10 2.80 11.40
CA GLY A 175 -23.84 3.04 9.98
C GLY A 175 -23.93 4.52 9.61
N GLN A 176 -24.99 5.18 10.10
CA GLN A 176 -25.21 6.61 9.89
C GLN A 176 -24.13 7.43 10.63
N TYR A 177 -23.82 7.06 11.87
CA TYR A 177 -22.82 7.76 12.70
C TYR A 177 -21.48 7.83 11.95
N LYS A 178 -21.05 6.67 11.43
CA LYS A 178 -19.73 6.47 10.83
C LYS A 178 -19.65 7.11 9.44
N LEU A 179 -20.73 7.04 8.65
CA LEU A 179 -20.76 7.69 7.35
C LEU A 179 -20.76 9.22 7.51
N THR A 180 -21.56 9.74 8.45
CA THR A 180 -21.61 11.18 8.77
C THR A 180 -20.22 11.65 9.22
N ARG A 181 -19.57 10.85 10.10
CA ARG A 181 -18.23 11.13 10.61
C ARG A 181 -17.23 11.19 9.47
N LYS A 182 -17.37 10.26 8.49
CA LYS A 182 -16.49 10.15 7.32
C LYS A 182 -16.49 11.46 6.53
N ALA A 183 -17.69 12.00 6.23
CA ALA A 183 -17.87 13.28 5.54
C ALA A 183 -17.28 14.43 6.37
N LEU A 184 -17.64 14.51 7.66
CA LEU A 184 -17.27 15.65 8.51
C LEU A 184 -15.76 15.68 8.74
N SER A 185 -15.09 14.52 8.64
CA SER A 185 -13.68 14.35 8.97
C SER A 185 -12.80 14.17 7.72
N MET A 186 -13.36 14.45 6.53
CA MET A 186 -12.70 14.27 5.24
C MET A 186 -11.34 14.99 5.20
N TYR A 187 -11.26 16.20 5.79
CA TYR A 187 -10.15 17.13 5.62
C TYR A 187 -9.22 17.20 6.84
N CYS A 188 -9.38 16.29 7.81
CA CYS A 188 -8.57 16.32 9.03
C CYS A 188 -7.18 15.73 8.78
N LEU A 189 -6.21 16.21 9.59
CA LEU A 189 -4.79 15.86 9.51
C LEU A 189 -4.62 14.40 9.92
N LYS A 190 -3.58 13.72 9.38
CA LYS A 190 -3.17 12.41 9.88
C LYS A 190 -2.66 12.54 11.32
N ASP A 191 -2.92 11.51 12.14
CA ASP A 191 -2.51 11.46 13.54
C ASP A 191 -1.01 11.70 13.72
N SER A 192 -0.21 11.33 12.71
CA SER A 192 1.22 11.14 12.81
C SER A 192 1.98 12.45 12.60
N ARG A 193 2.66 12.90 13.67
CA ARG A 193 3.40 14.16 13.74
C ARG A 193 4.60 14.18 12.80
N PHE A 194 5.30 13.03 12.69
CA PHE A 194 6.52 12.88 11.90
C PHE A 194 6.26 12.85 10.40
N THR A 195 5.03 12.49 9.99
CA THR A 195 4.70 12.23 8.60
C THR A 195 4.55 13.54 7.81
N LYS A 196 5.61 13.87 7.05
CA LYS A 196 5.58 14.83 5.95
C LYS A 196 5.30 14.09 4.62
N ALA A 197 4.43 13.08 4.72
CA ALA A 197 4.02 12.12 3.69
C ALA A 197 5.23 11.39 3.07
N TRP A 198 6.23 11.08 3.91
CA TRP A 198 7.33 10.19 3.57
C TRP A 198 7.66 9.22 4.71
N ASP A 199 6.66 8.94 5.56
CA ASP A 199 6.79 7.96 6.63
C ASP A 199 6.34 6.56 6.19
N LYS A 200 6.25 6.34 4.86
CA LYS A 200 5.99 5.05 4.23
C LYS A 200 7.02 3.99 4.66
N ARG A 201 8.24 4.41 5.08
CA ARG A 201 9.27 3.52 5.58
C ARG A 201 8.82 2.81 6.86
N VAL A 202 7.99 3.49 7.68
CA VAL A 202 7.34 2.93 8.87
C VAL A 202 6.43 1.78 8.46
N LEU A 203 5.58 2.00 7.44
CA LEU A 203 4.62 1.02 6.97
C LEU A 203 5.30 -0.15 6.26
N LEU A 204 6.37 0.12 5.50
CA LEU A 204 7.16 -0.93 4.84
C LEU A 204 7.86 -1.82 5.87
N PHE A 205 8.43 -1.19 6.91
CA PHE A 205 8.99 -1.93 8.05
C PHE A 205 7.97 -2.94 8.59
N ARG A 206 6.74 -2.49 8.90
CA ARG A 206 5.71 -3.38 9.43
C ARG A 206 5.33 -4.49 8.44
N ASP A 207 5.17 -4.12 7.17
CA ASP A 207 4.76 -5.04 6.09
C ASP A 207 5.79 -6.15 5.90
N ILE A 208 7.09 -5.80 5.92
CA ILE A 208 8.18 -6.78 5.79
C ILE A 208 8.12 -7.75 6.97
N LEU A 209 8.05 -7.22 8.20
CA LEU A 209 7.97 -8.04 9.41
C LEU A 209 6.77 -9.00 9.38
N ALA A 210 5.58 -8.50 8.99
CA ALA A 210 4.36 -9.30 8.86
C ALA A 210 4.58 -10.46 7.89
N GLN A 211 5.12 -10.16 6.70
CA GLN A 211 5.39 -11.16 5.66
C GLN A 211 6.40 -12.21 6.14
N LEU A 212 7.50 -11.77 6.77
CA LEU A 212 8.55 -12.70 7.21
C LEU A 212 8.05 -13.67 8.30
N GLY A 213 7.09 -13.20 9.10
CA GLY A 213 6.47 -13.99 10.16
C GLY A 213 5.49 -15.03 9.64
N ARG A 214 5.04 -14.93 8.38
CA ARG A 214 4.22 -15.96 7.74
C ARG A 214 5.11 -17.11 7.28
N ILE A 215 4.66 -18.34 7.55
CA ILE A 215 5.42 -19.55 7.25
C ILE A 215 5.38 -19.82 5.74
N PRO A 216 6.56 -20.02 5.09
CA PRO A 216 6.62 -20.47 3.69
C PRO A 216 5.65 -21.61 3.43
N ALA A 217 4.79 -21.45 2.39
CA ALA A 217 3.63 -22.28 2.09
C ALA A 217 3.95 -23.77 2.26
N GLU A 218 5.00 -24.22 1.55
CA GLU A 218 5.39 -25.62 1.47
C GLU A 218 5.76 -26.14 2.86
N ALA A 219 6.46 -25.32 3.68
CA ALA A 219 6.81 -25.72 5.04
C ALA A 219 5.59 -25.77 5.95
N TYR A 220 4.65 -24.80 5.80
CA TYR A 220 3.39 -24.78 6.52
C TYR A 220 2.62 -26.09 6.29
N GLU A 221 2.48 -26.50 5.02
CA GLU A 221 1.72 -27.69 4.66
C GLU A 221 2.34 -28.97 5.23
N TYR A 222 3.68 -29.01 5.31
CA TYR A 222 4.40 -30.16 5.87
C TYR A 222 4.21 -30.27 7.39
N TYR A 223 4.60 -29.21 8.13
CA TYR A 223 4.64 -29.21 9.58
C TYR A 223 3.22 -29.10 10.16
N ASN A 240 1.63 -19.44 13.43
CA ASN A 240 1.72 -18.33 12.44
C ASN A 240 0.76 -18.63 11.29
N PRO A 241 0.33 -17.60 10.50
CA PRO A 241 -0.38 -17.89 9.28
C PRO A 241 0.63 -18.49 8.29
N LYS A 242 0.03 -19.01 7.23
CA LYS A 242 0.65 -19.48 6.01
C LYS A 242 0.98 -18.25 5.17
N ARG A 243 2.18 -18.25 4.58
CA ARG A 243 2.56 -17.30 3.54
C ARG A 243 1.93 -17.81 2.25
N HIS A 244 1.29 -16.88 1.51
CA HIS A 244 0.53 -17.17 0.30
C HIS A 244 1.16 -16.57 -0.94
N LYS A 245 1.92 -15.48 -0.75
CA LYS A 245 2.44 -14.63 -1.82
C LYS A 245 3.92 -14.36 -1.55
N ASP A 246 4.73 -14.33 -2.62
CA ASP A 246 6.13 -13.90 -2.55
C ASP A 246 6.18 -12.40 -2.85
N LYS A 247 6.56 -11.60 -1.85
CA LYS A 247 6.58 -10.14 -1.95
C LYS A 247 8.00 -9.56 -2.03
N PHE A 248 9.00 -10.43 -2.30
CA PHE A 248 10.39 -10.02 -2.47
C PHE A 248 10.54 -8.84 -3.43
N ILE A 249 9.95 -8.94 -4.64
CA ILE A 249 10.15 -7.94 -5.68
C ILE A 249 9.63 -6.57 -5.20
N GLU A 250 8.38 -6.53 -4.73
CA GLU A 250 7.70 -5.35 -4.19
C GLU A 250 8.58 -4.63 -3.17
N PHE A 251 9.06 -5.35 -2.14
CA PHE A 251 9.97 -4.84 -1.11
C PHE A 251 11.27 -4.30 -1.70
N ALA A 252 11.91 -5.07 -2.60
CA ALA A 252 13.16 -4.75 -3.29
C ALA A 252 13.03 -3.42 -4.06
N LEU A 253 11.89 -3.19 -4.72
CA LEU A 253 11.66 -1.97 -5.51
C LEU A 253 11.58 -0.74 -4.60
N HIS A 254 10.86 -0.85 -3.47
CA HIS A 254 10.75 0.19 -2.47
C HIS A 254 12.13 0.50 -1.88
N TYR A 255 12.89 -0.54 -1.49
CA TYR A 255 14.25 -0.38 -0.94
C TYR A 255 15.21 0.29 -1.94
N LEU A 256 15.27 -0.18 -3.20
CA LEU A 256 16.20 0.33 -4.19
C LEU A 256 15.91 1.79 -4.55
N GLU A 257 14.62 2.17 -4.65
CA GLU A 257 14.23 3.55 -4.91
C GLU A 257 14.61 4.47 -3.74
N ALA A 258 14.41 4.01 -2.49
CA ALA A 258 14.76 4.75 -1.28
C ALA A 258 16.27 4.99 -1.20
N GLN A 259 17.08 3.98 -1.57
CA GLN A 259 18.54 4.03 -1.48
C GLN A 259 19.17 4.78 -2.65
N HIS A 260 18.60 4.71 -3.87
CA HIS A 260 19.26 5.17 -5.10
C HIS A 260 18.33 6.11 -5.87
N SER A 261 18.55 7.43 -5.75
CA SER A 261 17.74 8.46 -6.38
C SER A 261 17.80 8.40 -7.92
N GLU A 262 18.86 7.79 -8.47
CA GLU A 262 19.04 7.63 -9.92
C GLU A 262 18.10 6.58 -10.50
N ILE A 263 17.48 5.73 -9.67
CA ILE A 263 16.72 4.57 -10.16
C ILE A 263 15.22 4.84 -9.98
N CYS A 264 14.39 4.39 -10.93
CA CYS A 264 12.94 4.47 -10.86
C CYS A 264 12.35 3.27 -11.59
N PHE A 265 11.39 2.58 -10.97
CA PHE A 265 10.76 1.41 -11.58
C PHE A 265 9.42 1.79 -12.20
N GLY A 266 9.05 1.06 -13.26
CA GLY A 266 7.78 1.19 -13.96
C GLY A 266 6.60 0.97 -13.00
N ARG A 267 5.62 1.87 -13.07
CA ARG A 267 4.33 1.75 -12.41
C ARG A 267 3.29 1.31 -13.44
N ARG A 268 2.29 0.56 -12.98
CA ARG A 268 1.25 0.04 -13.86
C ARG A 268 -0.02 0.86 -13.69
N HIS A 269 -0.69 1.14 -14.81
CA HIS A 269 -2.13 1.42 -14.83
C HIS A 269 -2.78 0.82 -16.07
N ILE A 270 -4.09 0.57 -15.94
CA ILE A 270 -4.93 -0.01 -16.97
C ILE A 270 -5.83 1.10 -17.50
N VAL A 271 -5.81 1.30 -18.82
CA VAL A 271 -6.58 2.33 -19.53
C VAL A 271 -7.77 1.64 -20.21
N VAL A 290 -2.71 -2.45 -20.40
CA VAL A 290 -1.71 -2.22 -19.31
C VAL A 290 -0.70 -1.21 -19.84
N VAL A 291 -0.61 -0.05 -19.18
CA VAL A 291 0.35 1.00 -19.53
C VAL A 291 1.40 1.07 -18.43
N VAL A 292 2.69 1.14 -18.82
CA VAL A 292 3.80 1.29 -17.88
C VAL A 292 4.34 2.72 -18.01
N ASP A 293 4.44 3.45 -16.90
CA ASP A 293 5.00 4.80 -16.88
C ASP A 293 5.97 4.90 -15.70
N PHE A 294 6.73 6.01 -15.63
CA PHE A 294 7.65 6.25 -14.52
C PHE A 294 7.22 7.46 -13.69
N SER A 295 5.91 7.62 -13.44
CA SER A 295 5.43 8.72 -12.63
C SER A 295 5.37 8.32 -11.15
N LYS A 296 5.97 9.17 -10.30
CA LYS A 296 6.01 9.01 -8.85
C LYS A 296 5.01 9.95 -8.18
N LYS A 297 4.01 10.41 -8.95
CA LYS A 297 2.98 11.35 -8.50
C LYS A 297 1.99 10.66 -7.56
N ASP A 298 1.75 9.36 -7.79
CA ASP A 298 0.82 8.54 -7.01
C ASP A 298 1.63 7.50 -6.24
N GLU A 299 1.55 7.59 -4.89
CA GLU A 299 2.30 6.77 -3.96
C GLU A 299 1.69 5.36 -3.85
N ASP A 300 0.35 5.30 -3.93
CA ASP A 300 -0.44 4.08 -3.82
C ASP A 300 -0.27 3.21 -5.06
N GLN A 301 0.08 3.85 -6.19
CA GLN A 301 0.16 3.23 -7.51
C GLN A 301 1.07 2.01 -7.47
N SER A 302 0.60 0.92 -8.09
CA SER A 302 1.32 -0.35 -8.08
C SER A 302 2.50 -0.32 -9.05
N TYR A 303 3.59 -0.98 -8.63
CA TYR A 303 4.70 -1.28 -9.52
C TYR A 303 4.22 -2.27 -10.58
N TYR A 304 4.76 -2.13 -11.80
CA TYR A 304 4.65 -3.13 -12.86
C TYR A 304 5.57 -4.30 -12.53
N ILE A 305 4.96 -5.47 -12.27
CA ILE A 305 5.67 -6.73 -12.10
C ILE A 305 4.97 -7.78 -12.96
N SER A 306 5.60 -8.20 -14.06
CA SER A 306 5.04 -9.21 -14.95
C SER A 306 6.01 -10.38 -15.06
N LYS A 307 5.56 -11.56 -14.60
CA LYS A 307 6.31 -12.81 -14.66
C LYS A 307 7.74 -12.62 -14.13
N ASN A 308 7.85 -11.95 -12.96
CA ASN A 308 9.10 -11.75 -12.23
C ASN A 308 10.05 -10.84 -12.99
N ASN A 309 9.49 -9.95 -13.83
CA ASN A 309 10.18 -8.87 -14.52
C ASN A 309 9.60 -7.53 -14.11
N VAL A 310 10.48 -6.52 -14.10
CA VAL A 310 10.20 -5.12 -13.82
C VAL A 310 10.88 -4.29 -14.92
N ILE A 311 10.50 -3.01 -15.05
CA ILE A 311 11.18 -2.10 -15.96
C ILE A 311 11.87 -1.06 -15.09
N VAL A 312 13.19 -0.91 -15.29
CA VAL A 312 13.99 0.02 -14.53
C VAL A 312 14.38 1.17 -15.45
N ARG A 313 14.36 2.40 -14.93
CA ARG A 313 14.91 3.57 -15.61
C ARG A 313 16.05 4.12 -14.74
N ILE A 314 17.23 4.23 -15.34
CA ILE A 314 18.43 4.72 -14.67
C ILE A 314 18.80 6.06 -15.30
N ASP A 315 18.81 7.11 -14.45
CA ASP A 315 19.09 8.47 -14.88
C ASP A 315 20.51 8.84 -14.43
N LYS A 316 21.47 8.67 -15.35
CA LYS A 316 22.90 8.97 -15.16
C LYS A 316 23.39 9.76 -16.38
N ASN A 317 24.54 10.45 -16.24
CA ASN A 317 25.27 11.05 -17.35
C ASN A 317 24.30 11.90 -18.18
N ALA A 318 24.17 11.57 -19.48
CA ALA A 318 23.53 12.41 -20.48
C ALA A 318 22.01 12.18 -20.58
N GLY A 319 21.47 11.21 -19.83
CA GLY A 319 20.02 11.01 -19.83
C GLY A 319 19.61 9.60 -19.47
N PRO A 320 18.31 9.36 -19.19
CA PRO A 320 17.84 8.06 -18.71
C PRO A 320 18.00 6.95 -19.75
N ARG A 321 18.30 5.75 -19.26
CA ARG A 321 18.26 4.52 -20.05
C ARG A 321 17.41 3.50 -19.31
N SER A 322 16.62 2.75 -20.07
CA SER A 322 15.59 1.87 -19.53
C SER A 322 15.85 0.43 -19.95
N TYR A 323 15.69 -0.50 -19.00
CA TYR A 323 15.86 -1.93 -19.18
C TYR A 323 14.76 -2.71 -18.49
N ARG A 324 14.47 -3.90 -19.05
CA ARG A 324 13.75 -4.95 -18.35
C ARG A 324 14.75 -5.75 -17.51
N MET A 325 14.39 -5.99 -16.24
CA MET A 325 15.23 -6.69 -15.27
C MET A 325 14.40 -7.77 -14.60
N GLY A 326 14.91 -9.00 -14.56
CA GLY A 326 14.26 -10.11 -13.89
C GLY A 326 14.61 -10.18 -12.41
N LEU A 327 13.91 -11.09 -11.71
CA LEU A 327 14.13 -11.43 -10.32
C LEU A 327 15.61 -11.70 -10.02
N ASN A 328 16.29 -12.43 -10.92
CA ASN A 328 17.67 -12.85 -10.74
C ASN A 328 18.57 -11.63 -10.60
N GLU A 329 18.46 -10.69 -11.54
CA GLU A 329 19.23 -9.46 -11.53
C GLU A 329 18.82 -8.58 -10.36
N LEU A 330 17.50 -8.53 -10.05
CA LEU A 330 16.99 -7.70 -8.96
C LEU A 330 17.59 -8.13 -7.62
N LYS A 331 17.67 -9.44 -7.37
CA LYS A 331 18.06 -9.93 -6.05
C LYS A 331 19.56 -9.69 -5.83
N TYR A 332 20.37 -9.85 -6.89
CA TYR A 332 21.80 -9.51 -6.87
C TYR A 332 22.00 -8.01 -6.71
N LEU A 333 21.12 -7.19 -7.34
CA LEU A 333 21.19 -5.75 -7.18
C LEU A 333 20.95 -5.34 -5.73
N VAL A 334 19.92 -5.92 -5.07
CA VAL A 334 19.63 -5.71 -3.66
C VAL A 334 20.86 -6.11 -2.84
N LEU A 335 21.43 -7.30 -3.09
CA LEU A 335 22.59 -7.77 -2.33
C LEU A 335 23.75 -6.79 -2.43
N LEU A 336 24.04 -6.34 -3.66
CA LEU A 336 25.11 -5.37 -3.94
C LEU A 336 24.81 -4.03 -3.27
N SER A 337 23.54 -3.56 -3.30
CA SER A 337 23.13 -2.29 -2.69
C SER A 337 23.35 -2.31 -1.18
N LEU A 338 22.98 -3.42 -0.52
CA LEU A 338 23.10 -3.60 0.92
C LEU A 338 24.56 -3.57 1.39
N GLN A 339 25.50 -3.94 0.50
CA GLN A 339 26.93 -4.01 0.82
C GLN A 339 27.69 -2.76 0.35
N GLY A 340 26.97 -1.74 -0.15
CA GLY A 340 27.54 -0.45 -0.52
C GLY A 340 28.07 -0.36 -1.94
N LYS A 341 27.68 -1.31 -2.82
CA LYS A 341 28.16 -1.40 -4.18
C LYS A 341 27.03 -1.07 -5.17
N GLY A 342 25.92 -0.53 -4.62
CA GLY A 342 24.74 -0.13 -5.37
C GLY A 342 25.09 0.84 -6.51
N ASP A 343 25.84 1.90 -6.20
CA ASP A 343 26.20 2.90 -7.20
C ASP A 343 26.95 2.28 -8.37
N ASP A 344 27.93 1.41 -8.04
CA ASP A 344 28.75 0.70 -9.00
C ASP A 344 27.92 -0.27 -9.86
N ALA A 345 27.06 -1.08 -9.24
CA ALA A 345 26.14 -1.96 -9.94
C ALA A 345 25.27 -1.17 -10.93
N ILE A 346 24.70 -0.04 -10.47
CA ILE A 346 23.80 0.80 -11.27
C ILE A 346 24.54 1.39 -12.47
N ALA A 347 25.83 1.77 -12.28
CA ALA A 347 26.71 2.24 -13.35
C ALA A 347 26.88 1.17 -14.42
N LYS A 348 27.08 -0.10 -14.02
CA LYS A 348 27.27 -1.23 -14.93
C LYS A 348 26.00 -1.52 -15.73
N LEU A 349 24.82 -1.47 -15.08
CA LEU A 349 23.53 -1.62 -15.75
C LEU A 349 23.31 -0.48 -16.74
N TYR A 350 23.64 0.75 -16.35
CA TYR A 350 23.49 1.91 -17.22
C TYR A 350 24.24 1.70 -18.53
N ARG A 351 25.50 1.23 -18.46
CA ARG A 351 26.41 1.01 -19.58
C ARG A 351 26.04 -0.21 -20.44
N TYR A 352 25.13 -1.08 -19.96
CA TYR A 352 24.81 -2.35 -20.60
C TYR A 352 24.46 -2.20 -22.09
N ARG A 353 23.60 -1.23 -22.43
CA ARG A 353 23.16 -0.92 -23.79
C ARG A 353 24.35 -0.63 -24.73
N GLN A 354 25.39 0.07 -24.24
CA GLN A 354 26.56 0.39 -25.05
C GLN A 354 27.22 -0.89 -25.56
N HIS A 355 27.44 -1.86 -24.65
CA HIS A 355 28.00 -3.16 -25.01
C HIS A 355 27.17 -3.84 -26.09
N VAL A 356 25.84 -3.85 -25.94
CA VAL A 356 24.95 -4.52 -26.88
C VAL A 356 25.12 -3.91 -28.27
N GLU A 357 25.09 -2.57 -28.35
CA GLU A 357 25.20 -1.79 -29.58
C GLU A 357 26.53 -2.04 -30.29
N ASN A 358 27.65 -2.17 -29.54
CA ASN A 358 28.98 -2.48 -30.08
C ASN A 358 29.02 -3.87 -30.72
N ILE A 359 28.47 -4.87 -30.01
CA ILE A 359 28.37 -6.27 -30.44
C ILE A 359 27.52 -6.38 -31.70
N LEU A 360 26.45 -5.56 -31.78
CA LEU A 360 25.45 -5.69 -32.85
C LEU A 360 26.05 -5.46 -34.23
N ASP A 361 27.09 -4.62 -34.32
CA ASP A 361 27.78 -4.28 -35.57
C ASP A 361 28.75 -5.36 -36.03
N VAL A 362 29.19 -6.26 -35.12
CA VAL A 362 30.29 -7.20 -35.36
C VAL A 362 29.92 -8.63 -34.91
N VAL A 363 28.65 -9.05 -35.12
CA VAL A 363 28.11 -10.32 -34.62
C VAL A 363 28.93 -11.51 -35.15
N LYS A 364 29.23 -11.51 -36.46
CA LYS A 364 29.92 -12.60 -37.16
C LYS A 364 31.31 -12.87 -36.54
N VAL A 365 32.03 -11.81 -36.16
CA VAL A 365 33.44 -11.85 -35.75
C VAL A 365 33.64 -11.78 -34.22
N THR A 366 32.72 -11.13 -33.48
CA THR A 366 32.79 -10.94 -32.02
C THR A 366 33.06 -12.28 -31.30
N ASP A 367 33.68 -12.21 -30.13
CA ASP A 367 33.91 -13.35 -29.24
C ASP A 367 32.57 -14.05 -28.97
N LYS A 368 32.54 -15.39 -29.06
CA LYS A 368 31.33 -16.20 -28.89
C LYS A 368 30.68 -15.94 -27.53
N ASP A 369 31.47 -15.54 -26.52
CA ASP A 369 31.06 -15.16 -25.18
C ASP A 369 30.04 -14.01 -25.19
N ASN A 370 30.11 -13.12 -26.21
CA ASN A 370 29.22 -11.99 -26.38
C ASN A 370 27.87 -12.37 -26.99
N HIS A 371 27.76 -13.60 -27.53
CA HIS A 371 26.51 -14.13 -28.06
C HIS A 371 25.42 -14.18 -26.99
N VAL A 372 25.80 -14.25 -25.70
CA VAL A 372 24.87 -14.34 -24.57
C VAL A 372 23.94 -13.11 -24.49
N PHE A 373 24.40 -11.94 -24.96
CA PHE A 373 23.67 -10.69 -24.80
C PHE A 373 22.64 -10.49 -25.91
N LEU A 374 22.65 -11.38 -26.90
CA LEU A 374 21.92 -11.19 -28.16
C LEU A 374 20.77 -12.18 -28.25
N PRO A 375 19.56 -11.71 -28.63
CA PRO A 375 18.44 -12.61 -28.90
C PRO A 375 18.71 -13.49 -30.10
N ARG A 376 18.05 -14.67 -30.12
CA ARG A 376 18.08 -15.67 -31.19
C ARG A 376 18.05 -15.06 -32.59
N PHE A 377 17.08 -14.16 -32.85
CA PHE A 377 16.84 -13.64 -34.19
C PHE A 377 18.11 -12.96 -34.72
N VAL A 378 18.90 -12.33 -33.84
CA VAL A 378 20.13 -11.64 -34.24
C VAL A 378 21.18 -12.67 -34.66
N LEU A 379 21.48 -13.61 -33.74
CA LEU A 379 22.41 -14.71 -33.97
C LEU A 379 22.04 -15.50 -35.23
N GLU A 380 20.74 -15.81 -35.41
CA GLU A 380 20.27 -16.60 -36.54
C GLU A 380 20.44 -15.84 -37.86
N GLN A 381 20.24 -14.51 -37.84
CA GLN A 381 20.43 -13.64 -39.00
C GLN A 381 21.87 -13.74 -39.52
N HIS A 382 22.84 -13.90 -38.61
CA HIS A 382 24.27 -14.00 -38.88
C HIS A 382 24.76 -15.45 -38.94
N GLY A 383 23.82 -16.40 -39.12
CA GLY A 383 24.13 -17.82 -39.30
C GLY A 383 24.69 -18.51 -38.06
N ILE A 384 24.35 -18.01 -36.87
CA ILE A 384 24.75 -18.62 -35.60
C ILE A 384 23.54 -19.33 -34.99
N GLY A 385 23.69 -20.64 -34.78
CA GLY A 385 22.76 -21.47 -34.02
C GLY A 385 21.42 -21.68 -34.72
N ARG A 386 21.42 -21.63 -36.06
CA ARG A 386 20.25 -21.97 -36.86
C ARG A 386 19.95 -23.47 -36.71
N LYS A 387 18.67 -23.79 -36.80
CA LYS A 387 18.20 -25.17 -36.76
C LYS A 387 17.44 -25.42 -38.06
N ALA A 388 17.57 -26.65 -38.60
CA ALA A 388 16.82 -27.12 -39.76
C ALA A 388 15.33 -27.11 -39.42
N PHE A 389 14.50 -26.68 -40.39
CA PHE A 389 13.05 -26.67 -40.23
C PHE A 389 12.54 -28.00 -39.65
N LYS A 390 13.09 -29.14 -40.13
CA LYS A 390 12.84 -30.49 -39.62
C LYS A 390 12.97 -30.57 -38.10
N GLN A 391 14.05 -29.99 -37.54
CA GLN A 391 14.35 -30.00 -36.11
C GLN A 391 13.36 -29.13 -35.33
N ARG A 392 13.06 -27.95 -35.87
CA ARG A 392 12.07 -27.00 -35.35
C ARG A 392 10.67 -27.64 -35.30
N ILE A 393 10.28 -28.36 -36.36
CA ILE A 393 9.04 -29.13 -36.39
C ILE A 393 9.04 -30.08 -35.22
N ASP A 394 10.08 -30.93 -35.11
CA ASP A 394 10.18 -32.01 -34.13
C ASP A 394 10.01 -31.48 -32.70
N GLY A 395 10.78 -30.44 -32.34
CA GLY A 395 10.69 -29.78 -31.03
C GLY A 395 9.30 -29.21 -30.74
N ARG A 396 8.71 -28.54 -31.75
CA ARG A 396 7.42 -27.87 -31.61
C ARG A 396 6.31 -28.89 -31.36
N VAL A 397 6.26 -29.95 -32.19
CA VAL A 397 5.23 -30.98 -32.13
C VAL A 397 5.36 -31.78 -30.83
N LYS A 398 6.59 -32.14 -30.41
CA LYS A 398 6.85 -32.84 -29.15
C LYS A 398 6.29 -32.03 -27.97
N HIS A 399 6.56 -30.72 -27.95
CA HIS A 399 6.09 -29.81 -26.91
C HIS A 399 4.56 -29.81 -26.84
N VAL A 400 3.90 -29.54 -27.97
CA VAL A 400 2.44 -29.36 -28.01
C VAL A 400 1.76 -30.69 -27.69
N ARG A 401 2.33 -31.79 -28.20
CA ARG A 401 1.86 -33.11 -27.82
C ARG A 401 1.94 -33.30 -26.31
N GLY A 402 3.08 -32.93 -25.71
CA GLY A 402 3.32 -33.05 -24.28
C GLY A 402 2.32 -32.24 -23.46
N VAL A 403 2.02 -31.03 -23.93
CA VAL A 403 1.09 -30.12 -23.28
C VAL A 403 -0.28 -30.78 -23.21
N TRP A 404 -0.70 -31.43 -24.30
CA TRP A 404 -2.05 -31.98 -24.39
C TRP A 404 -2.18 -33.35 -23.70
N GLU A 405 -1.12 -34.16 -23.69
CA GLU A 405 -1.09 -35.37 -22.87
C GLU A 405 -1.25 -35.05 -21.39
N LYS A 406 -0.58 -33.99 -20.90
CA LYS A 406 -0.70 -33.54 -19.51
C LYS A 406 -2.11 -33.02 -19.22
N LYS A 407 -2.71 -32.24 -20.13
CA LYS A 407 -4.07 -31.75 -19.94
C LYS A 407 -5.04 -32.93 -19.81
N LYS A 408 -4.88 -33.93 -20.69
CA LYS A 408 -5.76 -35.10 -20.77
C LYS A 408 -5.73 -35.86 -19.44
N ALA A 409 -4.54 -35.99 -18.83
CA ALA A 409 -4.33 -36.69 -17.57
C ALA A 409 -4.88 -35.92 -16.36
N ALA A 410 -5.01 -34.58 -16.45
CA ALA A 410 -5.28 -33.71 -15.31
C ALA A 410 -6.70 -33.15 -15.29
N THR A 411 -7.61 -33.60 -16.17
CA THR A 411 -8.96 -33.04 -16.29
C THR A 411 -9.64 -32.85 -14.93
N ASN A 412 -9.70 -33.91 -14.11
CA ASN A 412 -10.46 -33.91 -12.86
C ASN A 412 -9.91 -32.91 -11.84
N GLU A 413 -8.60 -32.62 -11.90
CA GLU A 413 -7.90 -31.72 -10.98
C GLU A 413 -7.85 -30.27 -11.47
N MET A 414 -8.14 -30.03 -12.76
CA MET A 414 -8.04 -28.70 -13.37
C MET A 414 -9.25 -27.83 -13.01
N THR A 415 -9.03 -26.51 -12.98
CA THR A 415 -10.05 -25.52 -12.62
C THR A 415 -11.02 -25.35 -13.79
N LEU A 416 -12.20 -24.79 -13.52
CA LEU A 416 -13.18 -24.56 -14.57
C LEU A 416 -12.62 -23.60 -15.61
N HIS A 417 -11.81 -22.62 -15.16
CA HIS A 417 -11.22 -21.64 -16.06
C HIS A 417 -10.25 -22.32 -17.02
N GLU A 418 -9.36 -23.18 -16.47
CA GLU A 418 -8.40 -23.94 -17.26
C GLU A 418 -9.11 -24.83 -18.28
N LYS A 419 -10.18 -25.52 -17.84
CA LYS A 419 -10.89 -26.43 -18.71
C LYS A 419 -11.64 -25.68 -19.81
N ALA A 420 -12.28 -24.55 -19.43
CA ALA A 420 -13.04 -23.71 -20.36
C ALA A 420 -12.11 -23.14 -21.44
N ARG A 421 -10.93 -22.66 -21.04
CA ARG A 421 -9.93 -22.12 -21.96
C ARG A 421 -9.55 -23.18 -22.99
N ASP A 422 -9.35 -24.43 -22.57
CA ASP A 422 -8.98 -25.53 -23.46
C ASP A 422 -10.08 -25.80 -24.50
N ILE A 423 -11.34 -25.88 -24.03
CA ILE A 423 -12.49 -26.18 -24.87
C ILE A 423 -12.66 -25.07 -25.91
N LEU A 424 -12.49 -23.82 -25.47
CA LEU A 424 -12.62 -22.65 -26.33
C LEU A 424 -11.49 -22.56 -27.36
N GLN A 425 -10.27 -23.00 -26.97
CA GLN A 425 -9.10 -23.06 -27.84
C GLN A 425 -9.34 -24.02 -29.01
N TYR A 426 -10.05 -25.13 -28.75
CA TYR A 426 -10.44 -26.12 -29.74
C TYR A 426 -11.49 -25.54 -30.69
N VAL A 427 -12.57 -24.96 -30.14
CA VAL A 427 -13.63 -24.40 -30.97
C VAL A 427 -13.07 -23.28 -31.85
N ASN A 428 -12.31 -22.34 -31.25
CA ASN A 428 -11.72 -21.18 -31.92
C ASN A 428 -10.85 -21.63 -33.10
N GLU A 429 -10.00 -22.65 -32.90
CA GLU A 429 -9.08 -23.13 -33.92
C GLU A 429 -9.84 -23.84 -35.06
N ASN A 430 -11.10 -24.23 -34.83
CA ASN A 430 -11.98 -24.83 -35.84
C ASN A 430 -12.99 -23.84 -36.45
N CYS A 431 -12.80 -22.52 -36.23
CA CYS A 431 -13.71 -21.49 -36.73
C CYS A 431 -13.16 -20.84 -37.99
N THR A 432 -14.02 -20.67 -39.01
CA THR A 432 -13.70 -19.95 -40.25
C THR A 432 -13.12 -18.59 -39.90
N ARG A 433 -13.86 -17.82 -39.09
CA ARG A 433 -13.45 -16.55 -38.52
C ARG A 433 -13.35 -16.73 -37.02
N SER A 434 -12.23 -16.29 -36.43
CA SER A 434 -11.93 -16.45 -35.00
C SER A 434 -12.97 -15.71 -34.17
N PHE A 435 -13.22 -16.18 -32.93
CA PHE A 435 -14.04 -15.46 -31.96
C PHE A 435 -13.63 -13.98 -31.86
N ASN A 436 -14.64 -13.10 -31.81
CA ASN A 436 -14.45 -11.75 -31.28
C ASN A 436 -14.45 -11.82 -29.75
N PRO A 437 -13.95 -10.77 -29.03
CA PRO A 437 -13.99 -10.74 -27.56
C PRO A 437 -15.34 -11.03 -26.92
N GLY A 438 -16.42 -10.50 -27.50
CA GLY A 438 -17.78 -10.72 -27.01
C GLY A 438 -18.23 -12.18 -27.06
N GLU A 439 -17.95 -12.84 -28.20
CA GLU A 439 -18.29 -14.23 -28.44
C GLU A 439 -17.53 -15.11 -27.44
N TYR A 440 -16.23 -14.83 -27.27
CA TYR A 440 -15.38 -15.59 -26.36
C TYR A 440 -15.93 -15.50 -24.93
N ASN A 441 -16.09 -14.27 -24.42
CA ASN A 441 -16.64 -13.96 -23.10
C ASN A 441 -17.96 -14.70 -22.87
N ARG A 442 -18.88 -14.62 -23.84
CA ARG A 442 -20.20 -15.23 -23.71
C ARG A 442 -20.08 -16.74 -23.50
N LEU A 443 -19.24 -17.41 -24.30
CA LEU A 443 -19.07 -18.85 -24.20
C LEU A 443 -18.33 -19.25 -22.91
N LEU A 444 -17.28 -18.49 -22.53
CA LEU A 444 -16.57 -18.67 -21.27
C LEU A 444 -17.51 -18.65 -20.06
N VAL A 445 -18.41 -17.65 -20.00
CA VAL A 445 -19.42 -17.49 -18.97
C VAL A 445 -20.31 -18.74 -18.89
N CYS A 446 -20.74 -19.29 -20.05
CA CYS A 446 -21.51 -20.53 -20.08
C CYS A 446 -20.75 -21.69 -19.42
N LEU A 447 -19.49 -21.88 -19.81
CA LEU A 447 -18.70 -23.04 -19.39
C LEU A 447 -18.38 -22.97 -17.90
N VAL A 448 -18.03 -21.76 -17.41
CA VAL A 448 -17.64 -21.55 -16.02
C VAL A 448 -18.86 -21.71 -15.10
N GLY A 449 -20.03 -21.32 -15.61
CA GLY A 449 -21.30 -21.33 -14.88
C GLY A 449 -22.05 -22.66 -14.92
N LYS A 450 -21.41 -23.73 -15.44
CA LYS A 450 -22.00 -25.08 -15.64
C LYS A 450 -23.29 -25.00 -16.49
N ASP A 451 -23.29 -24.14 -17.50
CA ASP A 451 -24.45 -23.96 -18.37
C ASP A 451 -24.16 -24.63 -19.71
N VAL A 452 -24.17 -25.98 -19.69
CA VAL A 452 -23.77 -26.80 -20.83
C VAL A 452 -24.81 -26.69 -21.95
N GLU A 453 -26.10 -26.54 -21.58
CA GLU A 453 -27.23 -26.30 -22.47
C GLU A 453 -26.96 -25.06 -23.33
N ASN A 454 -26.62 -23.95 -22.66
CA ASN A 454 -26.37 -22.67 -23.32
C ASN A 454 -25.09 -22.73 -24.14
N PHE A 455 -24.07 -23.49 -23.68
CA PHE A 455 -22.85 -23.68 -24.47
C PHE A 455 -23.19 -24.42 -25.77
N GLN A 456 -23.98 -25.50 -25.66
CA GLN A 456 -24.39 -26.28 -26.82
C GLN A 456 -25.28 -25.45 -27.75
N ALA A 457 -26.16 -24.58 -27.22
CA ALA A 457 -26.91 -23.64 -28.06
C ALA A 457 -25.96 -22.71 -28.83
N GLY A 458 -24.87 -22.30 -28.17
CA GLY A 458 -23.80 -21.51 -28.77
C GLY A 458 -23.12 -22.23 -29.93
N LEU A 459 -22.75 -23.51 -29.73
CA LEU A 459 -22.22 -24.32 -30.81
C LEU A 459 -23.21 -24.42 -31.98
N LYS A 460 -24.51 -24.60 -31.69
CA LYS A 460 -25.53 -24.69 -32.73
C LYS A 460 -25.52 -23.43 -33.59
N ARG A 461 -25.41 -22.27 -32.95
CA ARG A 461 -25.39 -20.98 -33.63
C ARG A 461 -24.16 -20.83 -34.54
N LEU A 462 -22.99 -21.28 -34.07
CA LEU A 462 -21.77 -21.34 -34.88
C LEU A 462 -21.96 -22.27 -36.08
N GLN A 463 -22.61 -23.42 -35.88
CA GLN A 463 -22.90 -24.36 -36.96
C GLN A 463 -23.82 -23.74 -38.00
N LEU A 464 -24.99 -23.19 -37.58
CA LEU A 464 -25.94 -22.55 -38.47
C LEU A 464 -25.31 -21.38 -39.25
N ALA A 465 -24.32 -20.71 -38.64
CA ALA A 465 -23.54 -19.64 -39.28
C ALA A 465 -22.43 -20.16 -40.17
N GLU A 466 -22.26 -21.50 -40.26
CA GLU A 466 -21.23 -22.14 -41.07
C GLU A 466 -19.84 -21.70 -40.62
N ARG A 467 -19.68 -21.40 -39.32
CA ARG A 467 -18.37 -21.06 -38.77
C ARG A 467 -17.58 -22.30 -38.39
N ILE A 468 -18.29 -23.32 -37.89
CA ILE A 468 -17.77 -24.64 -37.62
C ILE A 468 -18.60 -25.62 -38.46
N ASP A 469 -18.01 -26.76 -38.85
CA ASP A 469 -18.73 -27.78 -39.61
C ASP A 469 -19.49 -28.68 -38.64
N GLY A 470 -20.34 -29.55 -39.21
CA GLY A 470 -21.23 -30.45 -38.46
C GLY A 470 -20.48 -31.41 -37.54
N ARG A 471 -19.27 -31.85 -37.94
CA ARG A 471 -18.42 -32.74 -37.15
C ARG A 471 -18.13 -32.11 -35.78
N VAL A 472 -17.65 -30.85 -35.78
CA VAL A 472 -17.25 -30.13 -34.58
C VAL A 472 -18.44 -29.97 -33.62
N TYR A 473 -19.61 -29.53 -34.14
CA TYR A 473 -20.84 -29.46 -33.36
C TYR A 473 -21.17 -30.83 -32.74
N SER A 474 -21.00 -31.88 -33.57
CA SER A 474 -21.44 -33.23 -33.31
C SER A 474 -20.61 -33.94 -32.23
N ILE A 475 -19.29 -33.68 -32.16
CA ILE A 475 -18.42 -34.36 -31.20
C ILE A 475 -18.79 -34.01 -29.76
N PHE A 476 -19.51 -32.88 -29.56
CA PHE A 476 -19.96 -32.42 -28.26
C PHE A 476 -21.34 -32.93 -27.89
N ALA A 477 -22.13 -33.36 -28.90
CA ALA A 477 -23.50 -33.80 -28.71
C ALA A 477 -23.62 -34.95 -27.71
N GLN A 478 -22.62 -35.85 -27.65
CA GLN A 478 -22.61 -37.02 -26.76
C GLN A 478 -22.11 -36.69 -25.34
N THR A 479 -21.75 -35.42 -25.05
CA THR A 479 -21.25 -34.98 -23.75
C THR A 479 -22.30 -34.15 -23.00
N SER A 480 -22.26 -34.20 -21.66
CA SER A 480 -23.15 -33.42 -20.80
C SER A 480 -22.42 -32.64 -19.70
N THR A 481 -21.09 -32.84 -19.55
CA THR A 481 -20.30 -32.24 -18.47
C THR A 481 -19.04 -31.58 -19.02
N ILE A 482 -18.49 -30.60 -18.27
CA ILE A 482 -17.27 -29.90 -18.61
C ILE A 482 -16.14 -30.91 -18.79
N ASN A 483 -16.06 -31.89 -17.86
CA ASN A 483 -14.98 -32.86 -17.84
C ASN A 483 -15.01 -33.72 -19.10
N GLU A 484 -16.21 -34.15 -19.53
CA GLU A 484 -16.42 -34.95 -20.73
C GLU A 484 -15.99 -34.17 -21.97
N MET A 485 -16.44 -32.91 -22.04
CA MET A 485 -16.09 -32.00 -23.12
C MET A 485 -14.57 -31.83 -23.18
N HIS A 486 -13.93 -31.70 -22.01
CA HIS A 486 -12.48 -31.46 -21.95
C HIS A 486 -11.71 -32.66 -22.51
N GLN A 487 -12.17 -33.88 -22.20
CA GLN A 487 -11.55 -35.13 -22.64
C GLN A 487 -11.66 -35.26 -24.16
N VAL A 488 -12.86 -34.98 -24.69
CA VAL A 488 -13.15 -35.00 -26.12
C VAL A 488 -12.17 -34.08 -26.84
N VAL A 489 -11.96 -32.88 -26.29
CA VAL A 489 -11.10 -31.88 -26.92
C VAL A 489 -9.64 -32.34 -26.92
N CYS A 490 -9.15 -32.84 -25.78
CA CYS A 490 -7.82 -33.41 -25.66
C CYS A 490 -7.60 -34.50 -26.71
N ASP A 491 -8.58 -35.41 -26.88
CA ASP A 491 -8.54 -36.51 -27.85
C ASP A 491 -8.45 -35.97 -29.28
N GLN A 492 -9.27 -34.97 -29.65
CA GLN A 492 -9.29 -34.43 -31.01
C GLN A 492 -7.95 -33.78 -31.37
N ILE A 493 -7.38 -33.04 -30.40
CA ILE A 493 -6.13 -32.32 -30.59
C ILE A 493 -4.96 -33.30 -30.72
N LEU A 494 -4.90 -34.32 -29.84
CA LEU A 494 -3.83 -35.32 -29.87
C LEU A 494 -3.85 -36.16 -31.15
N ASN A 495 -5.05 -36.48 -31.67
CA ASN A 495 -5.24 -37.12 -32.97
C ASN A 495 -4.61 -36.32 -34.09
N ARG A 496 -4.81 -34.99 -34.06
CA ARG A 496 -4.27 -34.07 -35.05
C ARG A 496 -2.75 -34.01 -34.96
N LEU A 497 -2.18 -34.07 -33.75
CA LEU A 497 -0.75 -33.87 -33.51
C LEU A 497 0.10 -35.11 -33.80
N CYS A 498 -0.54 -36.30 -33.82
CA CYS A 498 0.14 -37.59 -33.93
C CYS A 498 0.26 -38.05 -35.39
N ARG A 499 -0.31 -37.27 -36.32
CA ARG A 499 -0.23 -37.48 -37.76
C ARG A 499 1.22 -37.37 -38.25
N ILE A 500 1.54 -38.15 -39.31
CA ILE A 500 2.79 -38.06 -40.05
C ILE A 500 2.90 -36.65 -40.64
N GLY A 501 4.04 -35.99 -40.35
CA GLY A 501 4.29 -34.57 -40.54
C GLY A 501 3.98 -34.08 -41.95
N ASP A 502 2.85 -33.35 -42.05
CA ASP A 502 2.35 -32.74 -43.28
C ASP A 502 2.43 -31.22 -43.17
N GLN A 503 2.11 -30.52 -44.27
CA GLN A 503 2.14 -29.07 -44.38
C GLN A 503 1.13 -28.44 -43.41
N LYS A 504 -0.08 -29.03 -43.33
CA LYS A 504 -1.12 -28.57 -42.41
C LYS A 504 -0.63 -28.59 -40.95
N LEU A 505 0.21 -29.58 -40.58
CA LEU A 505 0.70 -29.73 -39.21
C LEU A 505 1.60 -28.59 -38.78
N TYR A 506 2.51 -28.17 -39.69
CA TYR A 506 3.53 -27.17 -39.42
C TYR A 506 2.89 -25.82 -39.14
N ASP A 507 1.79 -25.54 -39.87
CA ASP A 507 0.95 -24.37 -39.74
C ASP A 507 0.16 -24.40 -38.43
N TYR A 508 -0.43 -25.56 -38.12
CA TYR A 508 -1.23 -25.79 -36.92
C TYR A 508 -0.46 -25.46 -35.65
N VAL A 509 0.85 -25.76 -35.62
CA VAL A 509 1.70 -25.64 -34.42
C VAL A 509 2.52 -24.34 -34.46
N GLY A 510 2.21 -23.46 -35.43
CA GLY A 510 2.64 -22.08 -35.48
C GLY A 510 3.97 -21.81 -36.19
N LEU A 511 4.41 -22.74 -37.05
CA LEU A 511 5.66 -22.60 -37.81
C LEU A 511 5.43 -22.02 -39.21
N GLY A 512 4.18 -21.62 -39.53
CA GLY A 512 3.80 -21.14 -40.85
C GLY A 512 3.61 -19.62 -40.90
N LYS A 513 4.68 -18.90 -41.25
CA LYS A 513 4.70 -17.43 -41.31
C LYS A 513 4.26 -16.96 -42.70
N LYS A 514 3.37 -15.95 -42.72
CA LYS A 514 2.93 -15.26 -43.92
C LYS A 514 3.60 -13.88 -43.98
N ASP A 515 3.59 -13.16 -42.86
CA ASP A 515 4.05 -11.78 -42.74
C ASP A 515 5.54 -11.76 -42.43
N GLU A 516 6.26 -10.96 -43.24
CA GLU A 516 7.71 -10.77 -43.14
C GLU A 516 8.04 -9.36 -42.62
N ILE A 517 8.57 -9.32 -41.39
CA ILE A 517 9.14 -8.14 -40.76
C ILE A 517 10.64 -8.07 -41.08
N ASP A 518 11.11 -6.89 -41.54
CA ASP A 518 12.51 -6.61 -41.87
C ASP A 518 13.36 -6.77 -40.60
N TYR A 519 14.42 -7.59 -40.70
CA TYR A 519 15.45 -7.76 -39.68
C TYR A 519 15.81 -6.41 -39.06
N LYS A 520 15.94 -5.38 -39.89
CA LYS A 520 16.37 -4.07 -39.41
C LYS A 520 15.32 -3.42 -38.52
N GLN A 521 14.03 -3.68 -38.77
CA GLN A 521 12.96 -3.26 -37.87
C GLN A 521 13.07 -3.98 -36.52
N LYS A 522 13.32 -5.30 -36.54
CA LYS A 522 13.47 -6.11 -35.34
C LYS A 522 14.64 -5.61 -34.47
N VAL A 523 15.78 -5.31 -35.11
CA VAL A 523 16.97 -4.79 -34.43
C VAL A 523 16.62 -3.47 -33.74
N ALA A 524 15.90 -2.59 -34.43
CA ALA A 524 15.53 -1.28 -33.88
C ALA A 524 14.66 -1.45 -32.64
N TRP A 525 13.64 -2.33 -32.73
CA TRP A 525 12.76 -2.67 -31.62
C TRP A 525 13.58 -3.21 -30.44
N PHE A 526 14.49 -4.15 -30.74
CA PHE A 526 15.31 -4.79 -29.72
C PHE A 526 16.10 -3.74 -28.93
N LYS A 527 16.67 -2.75 -29.63
CA LYS A 527 17.51 -1.73 -29.00
C LYS A 527 16.73 -0.83 -28.03
N GLU A 528 15.41 -0.68 -28.18
CA GLU A 528 14.56 0.10 -27.28
C GLU A 528 13.85 -0.77 -26.23
N HIS A 529 14.14 -2.09 -26.22
CA HIS A 529 13.51 -3.09 -25.35
C HIS A 529 14.52 -4.13 -24.85
N ILE A 530 15.71 -3.68 -24.42
CA ILE A 530 16.79 -4.52 -23.94
C ILE A 530 16.42 -5.10 -22.57
N SER A 531 16.67 -6.41 -22.37
CA SER A 531 16.57 -7.09 -21.09
C SER A 531 17.97 -7.50 -20.63
N ILE A 532 18.25 -7.37 -19.32
CA ILE A 532 19.55 -7.72 -18.73
C ILE A 532 19.70 -9.25 -18.75
N ARG A 533 20.81 -9.71 -19.35
CA ARG A 533 21.23 -11.12 -19.35
C ARG A 533 21.21 -11.70 -17.93
N ARG A 534 20.61 -12.90 -17.78
CA ARG A 534 20.58 -13.60 -16.50
C ARG A 534 22.01 -13.91 -16.08
N GLY A 535 22.34 -13.49 -14.86
CA GLY A 535 23.66 -13.71 -14.26
C GLY A 535 24.64 -12.57 -14.53
N PHE A 536 24.18 -11.48 -15.20
CA PHE A 536 25.02 -10.32 -15.48
C PHE A 536 25.74 -9.78 -14.24
N LEU A 537 25.00 -9.40 -13.18
CA LEU A 537 25.59 -8.80 -11.98
C LEU A 537 26.48 -9.81 -11.24
N ARG A 538 26.06 -11.08 -11.22
CA ARG A 538 26.88 -12.16 -10.66
C ARG A 538 28.25 -12.17 -11.36
N LYS A 539 28.26 -12.13 -12.70
CA LYS A 539 29.50 -12.23 -13.47
C LYS A 539 30.39 -11.00 -13.26
N LYS A 540 29.78 -9.82 -13.09
CA LYS A 540 30.53 -8.57 -12.90
C LYS A 540 31.19 -8.48 -11.53
N PHE A 541 30.61 -9.10 -10.49
CA PHE A 541 31.04 -8.88 -9.12
C PHE A 541 31.58 -10.15 -8.45
N TRP A 542 31.15 -11.33 -8.92
CA TRP A 542 31.48 -12.59 -8.29
C TRP A 542 31.92 -13.63 -9.33
N TYR A 543 32.60 -13.20 -10.41
CA TYR A 543 33.12 -14.02 -11.50
C TYR A 543 33.69 -15.35 -10.98
N ASP A 544 34.75 -15.25 -10.16
CA ASP A 544 35.52 -16.40 -9.71
C ASP A 544 34.99 -16.96 -8.38
N SER A 545 33.83 -16.45 -7.91
CA SER A 545 33.16 -16.96 -6.70
C SER A 545 32.62 -18.36 -6.96
N LYS A 546 32.90 -19.26 -6.00
CA LYS A 546 32.31 -20.59 -5.94
C LYS A 546 31.06 -20.58 -5.05
N LYS A 547 30.78 -19.45 -4.39
CA LYS A 547 29.63 -19.28 -3.49
C LYS A 547 28.39 -18.94 -4.32
N GLY A 548 27.33 -19.75 -4.19
CA GLY A 548 26.01 -19.42 -4.71
C GLY A 548 25.38 -18.21 -4.04
N PHE A 549 24.27 -17.73 -4.63
CA PHE A 549 23.47 -16.63 -4.12
C PHE A 549 23.20 -16.72 -2.62
N ALA A 550 22.68 -17.87 -2.16
CA ALA A 550 22.32 -18.09 -0.77
C ALA A 550 23.51 -17.93 0.19
N LYS A 551 24.69 -18.46 -0.18
CA LYS A 551 25.90 -18.38 0.65
C LYS A 551 26.42 -16.94 0.66
N LEU A 552 26.31 -16.22 -0.46
CA LEU A 552 26.71 -14.81 -0.55
C LEU A 552 25.83 -13.99 0.38
N VAL A 553 24.52 -14.29 0.40
CA VAL A 553 23.59 -13.60 1.32
C VAL A 553 23.98 -13.93 2.76
N GLU A 554 24.22 -15.22 3.07
CA GLU A 554 24.56 -15.65 4.42
C GLU A 554 25.86 -14.98 4.90
N GLU A 555 26.87 -14.89 4.02
CA GLU A 555 28.18 -14.30 4.34
C GLU A 555 28.04 -12.82 4.70
N HIS A 556 27.25 -12.08 3.90
CA HIS A 556 26.90 -10.69 4.17
C HIS A 556 26.16 -10.54 5.50
N LEU A 557 25.14 -11.39 5.77
CA LEU A 557 24.41 -11.33 7.02
C LEU A 557 25.33 -11.47 8.23
N GLU A 558 26.29 -12.41 8.17
CA GLU A 558 27.14 -12.76 9.31
C GLU A 558 28.18 -11.65 9.59
N SER A 559 28.68 -11.03 8.52
CA SER A 559 29.83 -10.13 8.57
C SER A 559 29.46 -8.65 8.38
N GLY A 560 28.20 -8.36 8.02
CA GLY A 560 27.73 -7.04 7.58
C GLY A 560 27.56 -6.02 8.71
N GLY A 561 27.27 -6.50 9.93
CA GLY A 561 27.16 -5.66 11.12
C GLY A 561 25.77 -5.56 11.71
N GLY A 562 24.79 -6.27 11.13
CA GLY A 562 23.42 -6.33 11.65
C GLY A 562 23.27 -7.23 12.88
N GLN A 563 23.96 -8.38 12.88
CA GLN A 563 23.83 -9.50 13.80
C GLN A 563 22.38 -9.94 13.99
N ARG A 564 21.58 -9.84 12.92
CA ARG A 564 20.21 -10.36 12.85
C ARG A 564 20.18 -11.58 11.95
N ASP A 565 19.18 -12.44 12.20
CA ASP A 565 18.76 -13.49 11.29
C ASP A 565 17.25 -13.63 11.42
N VAL A 566 16.62 -14.45 10.57
CA VAL A 566 15.17 -14.64 10.58
C VAL A 566 14.71 -15.14 11.95
N GLY A 567 13.51 -14.74 12.34
CA GLY A 567 12.96 -15.13 13.63
C GLY A 567 12.07 -16.37 13.55
N LEU A 568 11.73 -16.81 12.34
CA LEU A 568 11.11 -18.12 12.15
C LEU A 568 12.13 -19.21 12.44
N ASP A 569 11.64 -20.32 13.04
CA ASP A 569 12.42 -21.52 13.28
C ASP A 569 13.04 -21.96 11.96
N LYS A 570 14.34 -22.29 11.98
CA LYS A 570 15.08 -22.71 10.80
C LYS A 570 14.45 -23.93 10.13
N LYS A 571 13.67 -24.73 10.87
CA LYS A 571 13.01 -25.92 10.32
C LYS A 571 12.00 -25.54 9.24
N TYR A 572 11.47 -24.30 9.29
CA TYR A 572 10.54 -23.79 8.30
C TYR A 572 11.21 -23.55 6.94
N TYR A 573 12.56 -23.63 6.89
CA TYR A 573 13.30 -23.43 5.65
C TYR A 573 13.99 -24.69 5.12
N HIS A 574 13.81 -25.87 5.78
CA HIS A 574 14.36 -27.15 5.35
C HIS A 574 13.58 -28.34 5.96
N ILE A 575 13.23 -29.34 5.13
CA ILE A 575 12.59 -30.58 5.58
C ILE A 575 13.68 -31.61 5.85
N ASP A 576 14.00 -31.89 7.13
CA ASP A 576 15.16 -32.71 7.48
C ASP A 576 15.06 -34.15 6.95
N ALA A 577 13.84 -34.61 6.66
CA ALA A 577 13.50 -36.00 6.40
C ALA A 577 13.75 -36.41 4.94
N ILE A 578 13.78 -35.41 4.04
CA ILE A 578 13.96 -35.59 2.60
C ILE A 578 15.33 -35.03 2.19
N GLY A 579 15.81 -35.45 0.99
CA GLY A 579 17.15 -35.13 0.51
C GLY A 579 17.30 -33.63 0.26
N ARG A 580 18.53 -33.13 0.31
CA ARG A 580 18.83 -31.71 0.12
C ARG A 580 18.11 -31.10 -1.09
N PHE A 581 18.01 -31.84 -2.22
CA PHE A 581 17.58 -31.26 -3.51
C PHE A 581 16.15 -31.63 -3.90
N GLU A 582 15.44 -32.36 -3.03
CA GLU A 582 14.14 -32.97 -3.33
C GLU A 582 13.01 -32.02 -2.92
N GLY A 583 11.94 -32.01 -3.73
CA GLY A 583 10.69 -31.32 -3.49
C GLY A 583 10.90 -29.82 -3.30
N ALA A 584 10.44 -29.31 -2.15
CA ALA A 584 10.38 -27.89 -1.85
C ALA A 584 11.70 -27.36 -1.24
N ASN A 585 12.65 -28.25 -0.92
CA ASN A 585 13.87 -27.91 -0.21
C ASN A 585 14.71 -26.85 -0.93
N PRO A 586 14.92 -26.94 -2.28
CA PRO A 586 15.56 -25.87 -3.07
C PRO A 586 14.85 -24.52 -2.94
N ALA A 587 13.52 -24.51 -3.10
CA ALA A 587 12.69 -23.31 -3.02
C ALA A 587 12.73 -22.71 -1.62
N LEU A 588 12.71 -23.55 -0.56
CA LEU A 588 12.78 -23.07 0.82
C LEU A 588 14.14 -22.46 1.14
N TYR A 589 15.23 -23.05 0.61
CA TYR A 589 16.61 -22.58 0.79
C TYR A 589 16.81 -21.21 0.16
N GLU A 590 16.30 -21.01 -1.06
CA GLU A 590 16.25 -19.73 -1.75
C GLU A 590 15.44 -18.73 -0.95
N THR A 591 14.28 -19.16 -0.39
CA THR A 591 13.40 -18.34 0.45
C THR A 591 14.13 -17.85 1.70
N LEU A 592 14.97 -18.70 2.31
CA LEU A 592 15.76 -18.27 3.45
C LEU A 592 16.66 -17.09 3.04
N ALA A 593 17.30 -17.17 1.86
CA ALA A 593 18.20 -16.14 1.37
C ALA A 593 17.43 -14.84 1.08
N ARG A 594 16.29 -14.95 0.40
CA ARG A 594 15.51 -13.75 0.08
C ARG A 594 14.89 -13.14 1.34
N ASP A 595 14.48 -13.96 2.33
CA ASP A 595 13.98 -13.45 3.61
C ASP A 595 15.08 -12.67 4.35
N ARG A 596 16.32 -13.18 4.30
CA ARG A 596 17.47 -12.51 4.92
C ARG A 596 17.71 -11.14 4.27
N LEU A 597 17.64 -11.06 2.93
CA LEU A 597 17.67 -9.78 2.21
C LEU A 597 16.58 -8.84 2.72
N CYS A 598 15.34 -9.33 2.86
CA CYS A 598 14.19 -8.55 3.32
C CYS A 598 14.38 -8.05 4.75
N LEU A 599 15.01 -8.86 5.62
CA LEU A 599 15.30 -8.48 7.00
C LEU A 599 16.27 -7.29 7.02
N MET A 600 17.26 -7.33 6.10
CA MET A 600 18.27 -6.29 5.99
C MET A 600 17.64 -5.00 5.43
N MET A 601 16.71 -5.14 4.48
CA MET A 601 15.89 -4.03 3.99
C MET A 601 15.09 -3.41 5.14
N ALA A 602 14.46 -4.26 6.00
CA ALA A 602 13.71 -3.79 7.17
C ALA A 602 14.62 -2.98 8.10
N GLN A 603 15.84 -3.49 8.32
CA GLN A 603 16.87 -2.90 9.16
C GLN A 603 17.32 -1.53 8.63
N TYR A 604 17.29 -1.37 7.29
CA TYR A 604 17.57 -0.11 6.62
C TYR A 604 16.43 0.88 6.85
N PHE A 605 15.17 0.41 6.72
CA PHE A 605 13.99 1.26 6.89
C PHE A 605 13.87 1.81 8.31
N LEU A 606 13.97 0.94 9.33
CA LEU A 606 13.99 1.34 10.74
C LEU A 606 15.07 2.40 10.98
N GLY A 607 16.18 2.31 10.22
CA GLY A 607 17.33 3.21 10.28
C GLY A 607 16.99 4.68 10.06
N SER A 608 15.97 4.93 9.22
CA SER A 608 15.49 6.27 8.87
C SER A 608 14.81 6.94 10.06
N VAL A 609 14.03 6.17 10.84
CA VAL A 609 13.36 6.64 12.05
C VAL A 609 14.26 6.43 13.28
N ARG A 610 15.39 5.75 13.10
CA ARG A 610 16.50 5.70 14.04
C ARG A 610 17.27 7.03 13.98
N LYS A 611 17.42 7.57 12.75
CA LYS A 611 18.03 8.87 12.48
C LYS A 611 17.21 9.99 13.11
N GLU A 612 15.87 9.88 13.01
CA GLU A 612 14.92 10.79 13.63
C GLU A 612 14.90 10.57 15.15
N LEU A 613 14.87 11.68 15.89
CA LEU A 613 14.83 11.78 17.35
C LEU A 613 16.09 11.21 18.01
N GLY A 614 16.15 11.34 19.34
CA GLY A 614 17.26 10.85 20.16
C GLY A 614 16.80 9.78 21.15
N ASN A 615 16.33 8.64 20.61
CA ASN A 615 15.84 7.51 21.37
C ASN A 615 16.40 6.21 20.79
N LYS A 616 16.87 5.34 21.68
CA LYS A 616 17.41 4.02 21.35
C LYS A 616 16.26 3.04 21.05
N ILE A 617 16.61 1.95 20.36
CA ILE A 617 15.68 0.90 19.94
C ILE A 617 16.24 -0.45 20.38
N VAL A 618 15.45 -1.20 21.16
CA VAL A 618 15.59 -2.64 21.24
C VAL A 618 14.48 -3.28 20.40
N TRP A 619 14.84 -3.84 19.23
CA TRP A 619 13.92 -4.47 18.30
C TRP A 619 14.02 -6.00 18.35
N SER A 620 12.93 -6.65 18.82
CA SER A 620 12.75 -8.10 18.86
C SER A 620 11.86 -8.57 17.69
N ASN A 621 11.65 -9.89 17.56
CA ASN A 621 10.71 -10.40 16.57
C ASN A 621 9.30 -9.83 16.78
N ASP A 622 8.88 -9.66 18.05
CA ASP A 622 7.49 -9.37 18.39
C ASP A 622 7.34 -8.05 19.16
N SER A 623 8.37 -7.19 19.26
CA SER A 623 8.32 -5.96 20.05
C SER A 623 9.43 -4.97 19.68
N ILE A 624 9.13 -3.67 19.88
CA ILE A 624 10.09 -2.56 19.92
C ILE A 624 10.00 -1.92 21.31
N GLU A 625 11.18 -1.73 21.92
CA GLU A 625 11.35 -1.09 23.22
C GLU A 625 12.16 0.20 23.03
N LEU A 626 11.64 1.32 23.55
CA LEU A 626 12.36 2.59 23.52
C LEU A 626 12.36 3.20 24.91
N PRO A 627 13.41 3.97 25.30
CA PRO A 627 13.47 4.58 26.63
C PRO A 627 12.46 5.73 26.78
N SER A 637 11.14 2.34 30.21
CA SER A 637 11.05 2.06 28.75
C SER A 637 9.62 1.63 28.41
N ILE A 638 9.21 1.86 27.15
CA ILE A 638 7.88 1.51 26.65
C ILE A 638 8.05 0.40 25.61
N VAL A 639 7.24 -0.65 25.72
CA VAL A 639 7.31 -1.81 24.83
C VAL A 639 6.06 -1.85 23.97
N PHE A 640 6.24 -1.60 22.67
CA PHE A 640 5.20 -1.72 21.66
C PHE A 640 5.16 -3.17 21.17
N SER A 641 3.99 -3.79 21.30
CA SER A 641 3.77 -5.22 21.03
C SER A 641 3.04 -5.43 19.70
N VAL A 642 2.30 -6.56 19.61
CA VAL A 642 1.45 -7.01 18.50
C VAL A 642 2.33 -7.37 17.29
N SER A 643 2.81 -6.35 16.54
CA SER A 643 3.57 -6.55 15.31
C SER A 643 4.89 -5.77 15.39
N ASP A 644 4.77 -4.42 15.36
CA ASP A 644 5.88 -3.50 15.65
C ASP A 644 5.41 -2.47 16.67
N TYR A 645 4.42 -1.65 16.29
CA TYR A 645 3.72 -0.72 17.14
C TYR A 645 2.24 -1.10 17.23
N GLY A 646 1.71 -1.58 16.10
CA GLY A 646 0.27 -1.73 15.86
C GLY A 646 -0.33 -0.44 15.29
N LYS A 647 0.42 0.18 14.37
CA LYS A 647 0.25 1.53 13.83
C LYS A 647 0.06 2.56 14.95
N LEU A 648 1.16 2.83 15.67
CA LEU A 648 1.23 3.83 16.73
C LEU A 648 2.42 4.76 16.54
N TYR A 649 2.46 5.81 17.38
CA TYR A 649 3.32 6.98 17.25
C TYR A 649 3.91 7.31 18.63
N VAL A 650 3.36 8.35 19.29
CA VAL A 650 3.45 8.80 20.68
C VAL A 650 4.86 9.21 21.10
N LEU A 651 5.87 8.60 20.48
CA LEU A 651 7.28 8.89 20.69
C LEU A 651 7.64 10.32 20.27
N ASP A 652 6.80 10.97 19.44
CA ASP A 652 7.07 12.32 18.94
C ASP A 652 7.01 13.41 20.04
N ASP A 653 6.18 13.21 21.07
CA ASP A 653 6.21 14.09 22.25
C ASP A 653 6.74 13.32 23.44
N ALA A 654 8.08 13.34 23.57
CA ALA A 654 8.81 12.56 24.55
C ALA A 654 8.60 13.10 25.96
N GLU A 655 8.52 14.45 26.09
CA GLU A 655 8.26 15.10 27.37
C GLU A 655 6.90 14.67 27.91
N PHE A 656 5.85 14.69 27.07
CA PHE A 656 4.50 14.32 27.47
C PHE A 656 4.43 12.85 27.89
N LEU A 657 5.07 11.95 27.13
CA LEU A 657 5.09 10.53 27.46
C LEU A 657 5.80 10.31 28.80
N GLY A 658 6.89 11.07 29.00
CA GLY A 658 7.66 11.05 30.24
C GLY A 658 6.79 11.42 31.43
N ARG A 659 6.09 12.56 31.34
CA ARG A 659 5.22 13.05 32.40
C ARG A 659 4.01 12.13 32.61
N ILE A 660 3.47 11.56 31.52
CA ILE A 660 2.34 10.62 31.62
C ILE A 660 2.76 9.45 32.49
N CYS A 661 3.96 8.91 32.24
CA CYS A 661 4.48 7.77 32.98
C CYS A 661 4.77 8.15 34.43
N GLU A 662 5.48 9.28 34.63
CA GLU A 662 5.86 9.80 35.95
C GLU A 662 4.61 10.05 36.81
N TYR A 663 3.57 10.70 36.26
CA TYR A 663 2.45 11.20 37.05
C TYR A 663 1.31 10.17 37.19
N PHE A 664 1.14 9.26 36.22
CA PHE A 664 0.01 8.34 36.25
C PHE A 664 0.44 6.93 36.62
N MET A 665 1.75 6.67 36.61
CA MET A 665 2.29 5.34 36.85
C MET A 665 3.55 5.45 37.71
N PRO A 666 3.53 6.22 38.84
CA PRO A 666 4.75 6.62 39.54
C PRO A 666 5.58 5.44 40.07
N HIS A 667 4.91 4.33 40.40
CA HIS A 667 5.51 3.14 41.02
C HIS A 667 6.16 2.18 40.01
N GLU A 668 5.68 2.20 38.75
CA GLU A 668 6.23 1.36 37.66
C GLU A 668 7.65 1.82 37.34
N LYS A 669 8.57 0.85 37.23
CA LYS A 669 9.95 1.04 36.81
C LYS A 669 10.26 0.06 35.68
N GLY A 670 11.28 0.37 34.88
CA GLY A 670 11.72 -0.45 33.75
C GLY A 670 10.75 -0.44 32.57
N LYS A 671 10.49 -1.63 32.01
CA LYS A 671 9.76 -1.84 30.76
C LYS A 671 8.24 -1.82 31.03
N ILE A 672 7.50 -0.93 30.33
CA ILE A 672 6.03 -0.84 30.43
C ILE A 672 5.40 -1.08 29.05
N ARG A 673 4.35 -1.93 29.01
CA ARG A 673 3.62 -2.20 27.78
C ARG A 673 2.87 -0.95 27.32
N TYR A 674 2.88 -0.70 26.01
CA TYR A 674 2.08 0.35 25.39
C TYR A 674 0.64 0.28 25.92
N HIS A 675 0.04 -0.93 25.94
CA HIS A 675 -1.34 -1.16 26.39
C HIS A 675 -1.59 -0.50 27.75
N THR A 676 -0.62 -0.67 28.67
CA THR A 676 -0.58 -0.12 30.03
C THR A 676 -0.44 1.40 29.99
N VAL A 677 0.51 1.93 29.18
CA VAL A 677 0.67 3.37 28.97
C VAL A 677 -0.66 3.98 28.49
N TYR A 678 -1.41 3.28 27.62
CA TYR A 678 -2.67 3.81 27.10
C TYR A 678 -3.77 3.80 28.17
N GLU A 679 -3.95 2.64 28.83
CA GLU A 679 -5.08 2.41 29.73
C GLU A 679 -4.93 3.25 31.00
N LYS A 680 -3.73 3.21 31.60
CA LYS A 680 -3.44 3.84 32.89
C LYS A 680 -2.94 5.27 32.70
N GLY A 681 -2.49 5.63 31.49
CA GLY A 681 -1.81 6.90 31.25
C GLY A 681 -2.62 7.85 30.39
N PHE A 682 -2.65 7.61 29.07
CA PHE A 682 -3.31 8.48 28.12
C PHE A 682 -4.81 8.57 28.39
N ARG A 683 -5.48 7.42 28.63
CA ARG A 683 -6.90 7.38 28.96
C ARG A 683 -7.19 8.13 30.26
N ALA A 684 -6.36 7.89 31.28
CA ALA A 684 -6.43 8.57 32.58
C ALA A 684 -6.27 10.08 32.41
N TYR A 685 -5.28 10.53 31.62
CA TYR A 685 -5.09 11.94 31.28
C TYR A 685 -6.36 12.54 30.66
N ASN A 686 -6.92 11.86 29.66
CA ASN A 686 -8.11 12.31 28.93
C ASN A 686 -9.28 12.50 29.88
N ASP A 687 -9.46 11.57 30.83
CA ASP A 687 -10.52 11.59 31.84
C ASP A 687 -10.38 12.80 32.76
N LEU A 688 -9.14 13.02 33.25
CA LEU A 688 -8.79 14.14 34.11
C LEU A 688 -9.03 15.47 33.39
N GLN A 689 -8.60 15.53 32.12
CA GLN A 689 -8.67 16.72 31.29
C GLN A 689 -10.12 17.19 31.17
N LYS A 690 -11.06 16.28 30.90
CA LYS A 690 -12.48 16.62 30.84
C LYS A 690 -12.91 17.31 32.14
N LYS A 691 -12.52 16.72 33.29
CA LYS A 691 -12.92 17.19 34.61
C LYS A 691 -12.35 18.58 34.88
N CYS A 692 -11.07 18.80 34.54
CA CYS A 692 -10.42 20.10 34.77
C CYS A 692 -10.99 21.20 33.87
N VAL A 693 -11.38 20.86 32.64
CA VAL A 693 -11.92 21.86 31.71
C VAL A 693 -13.34 22.25 32.16
N GLU A 694 -14.18 21.24 32.46
CA GLU A 694 -15.52 21.41 33.03
C GLU A 694 -15.43 22.26 34.30
N ALA A 695 -14.50 21.89 35.22
CA ALA A 695 -14.23 22.61 36.47
C ALA A 695 -13.91 24.09 36.22
N VAL A 696 -12.97 24.36 35.30
CA VAL A 696 -12.50 25.72 34.99
C VAL A 696 -13.67 26.58 34.49
N LEU A 697 -14.55 25.99 33.67
CA LEU A 697 -15.68 26.70 33.07
C LEU A 697 -16.75 27.01 34.12
N ALA A 698 -17.08 26.02 34.98
CA ALA A 698 -17.97 26.16 36.12
C ALA A 698 -17.47 27.23 37.11
N PHE A 699 -16.14 27.30 37.33
CA PHE A 699 -15.43 28.33 38.10
C PHE A 699 -15.73 29.73 37.56
N GLU A 700 -15.43 29.96 36.28
CA GLU A 700 -15.72 31.22 35.58
C GLU A 700 -17.19 31.64 35.79
N GLU A 701 -18.13 30.71 35.58
CA GLU A 701 -19.58 30.92 35.72
C GLU A 701 -19.90 31.45 37.13
N LYS A 702 -19.48 30.70 38.18
CA LYS A 702 -19.69 31.04 39.59
C LYS A 702 -19.12 32.41 39.94
N VAL A 703 -17.89 32.71 39.51
CA VAL A 703 -17.15 33.93 39.85
C VAL A 703 -17.69 35.14 39.08
N VAL A 704 -18.18 34.91 37.84
CA VAL A 704 -18.76 35.98 37.03
C VAL A 704 -20.15 36.33 37.57
N ALA A 732 0.19 32.42 44.86
CA ALA A 732 0.63 31.03 44.61
C ALA A 732 -0.52 30.17 44.07
N GLU A 733 -1.74 30.45 44.56
CA GLU A 733 -2.95 29.74 44.15
C GLU A 733 -3.34 30.14 42.74
N LYS A 734 -3.34 31.46 42.44
CA LYS A 734 -3.71 32.01 41.14
C LYS A 734 -2.74 31.54 40.05
N THR A 735 -1.42 31.61 40.33
CA THR A 735 -0.36 31.12 39.45
C THR A 735 -0.61 29.68 39.03
N ALA A 736 -0.84 28.81 40.03
CA ALA A 736 -1.01 27.37 39.84
C ALA A 736 -2.28 27.09 39.04
N VAL A 737 -3.37 27.79 39.38
CA VAL A 737 -4.68 27.62 38.73
C VAL A 737 -4.53 27.89 37.23
N ASN A 738 -3.86 29.00 36.88
CA ASN A 738 -3.66 29.40 35.49
C ASN A 738 -2.82 28.37 34.75
N LYS A 739 -1.75 27.86 35.39
CA LYS A 739 -0.81 26.94 34.77
C LYS A 739 -1.47 25.58 34.52
N VAL A 740 -2.21 25.06 35.51
CA VAL A 740 -2.92 23.79 35.42
C VAL A 740 -4.05 23.89 34.39
N ALA A 741 -4.80 25.00 34.38
CA ALA A 741 -5.85 25.25 33.39
C ALA A 741 -5.30 25.21 31.97
N ARG A 742 -4.23 25.99 31.74
CA ARG A 742 -3.57 26.11 30.45
C ARG A 742 -3.07 24.75 29.97
N ALA A 743 -2.54 23.93 30.91
CA ALA A 743 -2.03 22.59 30.63
C ALA A 743 -3.13 21.69 30.08
N PHE A 744 -4.27 21.60 30.79
CA PHE A 744 -5.41 20.80 30.38
C PHE A 744 -6.07 21.32 29.10
N PHE A 745 -6.20 22.65 28.92
CA PHE A 745 -6.71 23.23 27.68
C PHE A 745 -5.84 22.81 26.48
N ALA A 746 -4.52 22.68 26.66
CA ALA A 746 -3.61 22.47 25.54
C ALA A 746 -3.11 21.03 25.42
N HIS A 747 -3.59 20.09 26.26
CA HIS A 747 -3.23 18.67 26.24
C HIS A 747 -1.74 18.46 26.55
N HIS A 748 -1.23 19.04 27.65
CA HIS A 748 0.10 18.74 28.14
C HIS A 748 0.10 18.66 29.67
N LEU A 749 1.31 18.42 30.24
CA LEU A 749 1.53 18.22 31.66
C LEU A 749 2.60 19.16 32.21
N LYS A 750 2.62 20.41 31.74
CA LYS A 750 3.61 21.41 32.17
C LYS A 750 3.19 22.08 33.48
N PHE A 751 3.16 21.27 34.55
CA PHE A 751 2.98 21.71 35.93
C PHE A 751 3.53 20.61 36.85
N VAL A 752 3.76 20.96 38.11
CA VAL A 752 4.22 20.01 39.13
C VAL A 752 3.04 19.57 40.00
N ILE A 753 3.15 18.38 40.62
CA ILE A 753 2.11 17.76 41.44
C ILE A 753 1.58 18.74 42.48
N ASP A 754 2.49 19.49 43.15
CA ASP A 754 2.14 20.49 44.14
C ASP A 754 1.21 21.55 43.55
N GLU A 755 1.44 21.95 42.29
CA GLU A 755 0.62 22.96 41.62
C GLU A 755 -0.80 22.46 41.35
N PHE A 756 -0.99 21.15 41.10
CA PHE A 756 -2.32 20.57 40.93
C PHE A 756 -3.10 20.58 42.24
N GLY A 757 -2.38 20.31 43.35
CA GLY A 757 -2.86 20.49 44.73
C GLY A 757 -3.56 21.83 44.94
N LEU A 758 -2.88 22.93 44.55
CA LEU A 758 -3.34 24.32 44.65
C LEU A 758 -4.56 24.59 43.75
N PHE A 759 -4.54 24.11 42.50
CA PHE A 759 -5.66 24.13 41.56
C PHE A 759 -6.88 23.44 42.18
N SER A 760 -6.70 22.20 42.64
CA SER A 760 -7.67 21.37 43.36
C SER A 760 -8.22 22.08 44.61
N ASP A 761 -7.35 22.76 45.39
CA ASP A 761 -7.73 23.54 46.57
C ASP A 761 -8.71 24.64 46.20
N VAL A 762 -8.40 25.40 45.13
CA VAL A 762 -9.14 26.58 44.69
C VAL A 762 -10.50 26.18 44.13
N MET A 763 -10.57 25.02 43.44
CA MET A 763 -11.81 24.44 42.95
C MET A 763 -12.71 24.07 44.14
N LYS A 764 -12.13 23.39 45.15
CA LYS A 764 -12.84 22.99 46.36
C LYS A 764 -13.37 24.23 47.10
N LYS A 765 -12.56 25.31 47.17
CA LYS A 765 -12.88 26.56 47.86
C LYS A 765 -14.03 27.33 47.22
N TYR A 766 -14.38 26.99 45.96
CA TYR A 766 -15.34 27.73 45.15
C TYR A 766 -16.55 26.87 44.76
N GLY A 767 -16.67 25.68 45.38
CA GLY A 767 -17.87 24.86 45.29
C GLY A 767 -17.75 23.71 44.29
N ILE A 768 -16.99 23.93 43.19
CA ILE A 768 -16.79 22.94 42.13
C ILE A 768 -15.78 21.90 42.62
N GLU A 769 -16.27 20.75 43.06
CA GLU A 769 -15.42 19.56 43.23
C GLU A 769 -15.51 18.74 41.95
N LYS A 770 -14.61 17.76 41.82
CA LYS A 770 -14.60 16.66 40.86
C LYS A 770 -13.88 15.52 41.56
N GLU A 771 -14.13 14.27 41.12
CA GLU A 771 -13.36 13.10 41.56
C GLU A 771 -12.07 13.03 40.73
N TRP A 772 -11.04 13.82 41.11
CA TRP A 772 -9.84 14.07 40.33
C TRP A 772 -9.09 12.77 40.00
N LYS A 773 -9.07 11.83 40.98
CA LYS A 773 -8.30 10.59 40.94
C LYS A 773 -6.83 10.92 40.64
N PHE A 774 -6.37 12.05 41.16
CA PHE A 774 -5.07 12.61 40.83
C PHE A 774 -4.66 13.58 41.93
N PRO A 775 -3.42 13.53 42.49
CA PRO A 775 -2.34 12.64 42.01
C PRO A 775 -2.59 11.17 42.36
N VAL A 776 -1.73 10.29 41.82
CA VAL A 776 -1.89 8.84 41.84
C VAL A 776 -1.06 8.25 43.00
N LYS A 777 -1.63 7.20 43.64
CA LYS A 777 -1.07 6.38 44.71
C LYS A 777 0.44 6.20 44.54
#